data_7WMF
#
_entry.id   7WMF
#
_cell.length_a   85.792
_cell.length_b   102.521
_cell.length_c   103.171
_cell.angle_alpha   90.000
_cell.angle_beta   90.000
_cell.angle_gamma   90.000
#
_symmetry.space_group_name_H-M   'P 21 21 21'
#
loop_
_entity.id
_entity.type
_entity.pdbx_description
1 polymer 'Threonine--tRNA ligase'
2 non-polymer (2S,3R)-2-azanyl-N-[(1R)-2-[3-[6,7-bis(chloranyl)-4-oxidanylidene-quinazolin-3-yl]propanoylamino]-1-[3-[4-(trifluoromethyl)phenyl]phenyl]ethyl]-3-oxidanyl-butanamide
3 non-polymer 1,2-ETHANEDIOL
4 non-polymer 'ZINC ION'
5 water water
#
_entity_poly.entity_id   1
_entity_poly.type   'polypeptide(L)'
_entity_poly.pdbx_seq_one_letter_code
;MGRDHRKIGKQLDLYHMQEEAPGMVFWHNDGWTIFRELEVFVRSKLKEYQYQEVKGPFMMDRVLWEKTGHWDNYKDAMFT
TSSENREYCIKPMNCPGHVQIFNQGLKSYRDLPLRMAEFGSCHRNEPSGALHGLMRVRGFTQDDAHIFCTEEQIRDEVNA
CIRMVYDMYSTFGFEKIVVKLSTRPDKRIGSDEMWDRAEADLAVALEENNIPFEYQLGEGAFYGPKIEFTLYDCLDRAWQ
CGTVQLDFSLPSRLSASYVGEDNERKVPVMIHRAILGSMERFIGILTEEFAGFFPTWLAPVQVVVMNITDSQSEYVNELT
QKLQNAGIRVKADLRNEKIGFKIREHTLRRVPYMLVCGDKEVEAGKVAVRTRRGKDLGSLDVNDVIEKLQQEIRSRSLQQ
LEELEHHHHHH
;
_entity_poly.pdbx_strand_id   A,B
#
loop_
_chem_comp.id
_chem_comp.type
_chem_comp.name
_chem_comp.formula
9I9 non-polymer (2S,3R)-2-azanyl-N-[(1R)-2-[3-[6,7-bis(chloranyl)-4-oxidanylidene-quinazolin-3-yl]propanoylamino]-1-[3-[4-(trifluoromethyl)phenyl]phenyl]ethyl]-3-oxidanyl-butanamide 'C30 H28 Cl2 F3 N5 O4'
EDO non-polymer 1,2-ETHANEDIOL 'C2 H6 O2'
ZN non-polymer 'ZINC ION' 'Zn 2'
#
# COMPACT_ATOMS: atom_id res chain seq x y z
N GLY A 2 3.59 -14.47 -26.00
CA GLY A 2 4.72 -15.40 -25.72
C GLY A 2 5.71 -14.79 -24.74
N ARG A 3 6.20 -13.60 -25.07
CA ARG A 3 7.02 -12.74 -24.16
C ARG A 3 6.66 -11.27 -24.40
N ASP A 4 5.36 -11.00 -24.64
CA ASP A 4 4.79 -9.64 -24.81
C ASP A 4 3.88 -9.36 -23.61
N HIS A 5 4.31 -8.48 -22.70
CA HIS A 5 3.63 -8.18 -21.41
C HIS A 5 2.20 -7.69 -21.66
N ARG A 6 1.95 -7.04 -22.80
CA ARG A 6 0.60 -6.50 -23.16
C ARG A 6 -0.36 -7.65 -23.45
N LYS A 7 0.12 -8.71 -24.11
CA LYS A 7 -0.66 -9.92 -24.47
C LYS A 7 -0.92 -10.73 -23.19
N ILE A 8 0.14 -11.09 -22.47
CA ILE A 8 0.09 -11.89 -21.20
C ILE A 8 -0.76 -11.13 -20.18
N GLY A 9 -0.66 -9.80 -20.16
CA GLY A 9 -1.45 -8.90 -19.28
C GLY A 9 -2.95 -9.07 -19.48
N LYS A 10 -3.42 -9.07 -20.73
CA LYS A 10 -4.85 -9.28 -21.07
C LYS A 10 -5.23 -10.73 -20.74
N GLN A 11 -4.40 -11.69 -21.15
CA GLN A 11 -4.64 -13.15 -20.98
C GLN A 11 -4.91 -13.49 -19.51
N LEU A 12 -4.01 -13.08 -18.60
CA LEU A 12 -4.07 -13.41 -17.15
C LEU A 12 -4.83 -12.33 -16.37
N ASP A 13 -5.48 -11.39 -17.06
CA ASP A 13 -6.42 -10.41 -16.45
C ASP A 13 -5.67 -9.57 -15.40
N LEU A 14 -4.44 -9.15 -15.71
CA LEU A 14 -3.55 -8.41 -14.76
C LEU A 14 -3.91 -6.92 -14.78
N TYR A 15 -4.04 -6.35 -15.98
CA TYR A 15 -4.31 -4.91 -16.18
C TYR A 15 -4.94 -4.67 -17.55
N HIS A 16 -5.51 -3.49 -17.74
CA HIS A 16 -5.88 -2.93 -19.06
C HIS A 16 -5.60 -1.43 -19.05
N MET A 17 -5.72 -0.79 -20.21
CA MET A 17 -5.58 0.68 -20.33
C MET A 17 -6.62 1.19 -21.34
N GLN A 18 -6.98 2.47 -21.24
CA GLN A 18 -8.03 3.11 -22.09
C GLN A 18 -7.63 4.56 -22.39
N GLU A 19 -8.13 5.09 -23.52
CA GLU A 19 -7.77 6.44 -24.04
C GLU A 19 -8.30 7.52 -23.10
N GLU A 20 -9.29 7.20 -22.26
CA GLU A 20 -9.85 8.12 -21.23
C GLU A 20 -8.75 8.49 -20.22
N ALA A 21 -7.73 7.64 -20.06
CA ALA A 21 -6.61 7.83 -19.11
C ALA A 21 -5.29 7.35 -19.73
N PRO A 22 -4.74 8.08 -20.72
CA PRO A 22 -3.53 7.61 -21.42
C PRO A 22 -2.35 7.37 -20.47
N GLY A 23 -1.69 6.22 -20.61
CA GLY A 23 -0.46 5.86 -19.86
C GLY A 23 -0.70 5.78 -18.37
N MET A 24 -1.91 5.40 -17.94
CA MET A 24 -2.25 5.20 -16.51
C MET A 24 -3.03 3.90 -16.36
N VAL A 25 -2.47 2.98 -15.56
CA VAL A 25 -2.84 1.54 -15.55
C VAL A 25 -4.11 1.35 -14.72
N PHE A 26 -5.09 0.64 -15.26
CA PHE A 26 -6.20 0.00 -14.50
C PHE A 26 -5.69 -1.38 -14.04
N TRP A 27 -5.32 -1.49 -12.76
CA TRP A 27 -4.80 -2.74 -12.15
C TRP A 27 -5.99 -3.62 -11.73
N HIS A 28 -6.13 -4.77 -12.37
CA HIS A 28 -7.19 -5.78 -12.06
C HIS A 28 -6.75 -6.55 -10.82
N ASN A 29 -7.64 -7.36 -10.26
CA ASN A 29 -7.41 -8.15 -9.02
C ASN A 29 -6.03 -8.82 -9.04
N ASP A 30 -5.77 -9.63 -10.08
CA ASP A 30 -4.57 -10.51 -10.14
C ASP A 30 -3.30 -9.69 -10.39
N GLY A 31 -3.41 -8.59 -11.15
CA GLY A 31 -2.30 -7.66 -11.40
C GLY A 31 -1.92 -6.90 -10.15
N TRP A 32 -2.91 -6.39 -9.41
CA TRP A 32 -2.70 -5.66 -8.12
C TRP A 32 -2.06 -6.60 -7.09
N THR A 33 -2.34 -7.90 -7.17
CA THR A 33 -1.77 -8.94 -6.27
C THR A 33 -0.26 -9.04 -6.50
N ILE A 34 0.18 -9.04 -7.76
CA ILE A 34 1.63 -9.06 -8.15
C ILE A 34 2.26 -7.76 -7.62
N PHE A 35 1.67 -6.61 -7.97
CA PHE A 35 2.15 -5.27 -7.55
C PHE A 35 2.34 -5.24 -6.03
N ARG A 36 1.32 -5.65 -5.28
CA ARG A 36 1.32 -5.61 -3.79
C ARG A 36 2.43 -6.52 -3.24
N GLU A 37 2.62 -7.71 -3.82
CA GLU A 37 3.68 -8.67 -3.39
C GLU A 37 5.08 -8.09 -3.67
N LEU A 38 5.23 -7.34 -4.76
CA LEU A 38 6.50 -6.64 -5.08
C LEU A 38 6.75 -5.56 -4.03
N GLU A 39 5.71 -4.83 -3.63
CA GLU A 39 5.76 -3.81 -2.53
C GLU A 39 6.25 -4.49 -1.25
N VAL A 40 5.62 -5.60 -0.86
CA VAL A 40 6.00 -6.39 0.35
C VAL A 40 7.50 -6.74 0.27
N PHE A 41 7.96 -7.19 -0.90
CA PHE A 41 9.38 -7.60 -1.11
C PHE A 41 10.30 -6.40 -0.86
N VAL A 42 10.02 -5.26 -1.51
CA VAL A 42 10.85 -4.02 -1.38
C VAL A 42 10.84 -3.57 0.09
N ARG A 43 9.69 -3.61 0.76
CA ARG A 43 9.57 -3.26 2.21
C ARG A 43 10.50 -4.13 3.06
N SER A 44 10.62 -5.43 2.75
CA SER A 44 11.53 -6.35 3.49
C SER A 44 12.98 -5.87 3.35
N LYS A 45 13.36 -5.36 2.18
CA LYS A 45 14.72 -4.83 1.92
C LYS A 45 14.89 -3.48 2.63
N LEU A 46 13.86 -2.62 2.62
CA LEU A 46 13.88 -1.30 3.33
C LEU A 46 14.21 -1.55 4.80
N LYS A 47 13.54 -2.52 5.43
CA LYS A 47 13.76 -2.89 6.85
C LYS A 47 15.20 -3.41 7.01
N GLU A 48 15.63 -4.31 6.12
CA GLU A 48 16.96 -4.95 6.15
C GLU A 48 18.08 -3.91 6.00
N TYR A 49 17.84 -2.84 5.24
CA TYR A 49 18.84 -1.78 4.92
C TYR A 49 18.58 -0.50 5.75
N GLN A 50 17.67 -0.58 6.73
N GLN A 50 17.68 -0.58 6.74
CA GLN A 50 17.40 0.46 7.76
CA GLN A 50 17.44 0.48 7.77
C GLN A 50 16.91 1.75 7.10
C GLN A 50 16.91 1.76 7.10
N TYR A 51 15.85 1.65 6.30
CA TYR A 51 15.15 2.81 5.68
C TYR A 51 13.88 3.12 6.48
N GLN A 52 13.55 4.40 6.62
CA GLN A 52 12.19 4.86 6.98
C GLN A 52 11.31 4.69 5.73
N GLU A 53 10.00 4.55 5.93
CA GLU A 53 9.03 4.62 4.80
C GLU A 53 8.01 5.71 5.11
N VAL A 54 7.85 6.65 4.16
CA VAL A 54 6.94 7.83 4.29
C VAL A 54 5.95 7.80 3.12
N LYS A 55 5.02 8.75 3.12
CA LYS A 55 4.03 8.96 2.04
C LYS A 55 3.78 10.46 1.96
N GLY A 56 4.04 11.05 0.79
CA GLY A 56 3.90 12.50 0.54
C GLY A 56 2.65 12.80 -0.30
N PRO A 57 2.11 14.03 -0.26
CA PRO A 57 0.94 14.38 -1.08
C PRO A 57 1.18 14.29 -2.59
N PHE A 58 0.08 14.22 -3.34
CA PHE A 58 0.07 14.13 -4.81
C PHE A 58 0.39 15.49 -5.43
N MET A 59 0.04 16.61 -4.78
CA MET A 59 0.33 17.96 -5.35
C MET A 59 0.88 18.92 -4.28
N MET A 60 1.72 19.86 -4.74
CA MET A 60 2.31 20.95 -3.93
C MET A 60 2.35 22.22 -4.79
N ASP A 61 2.39 23.38 -4.14
CA ASP A 61 2.39 24.73 -4.76
C ASP A 61 3.52 24.83 -5.80
N ARG A 62 3.21 25.37 -6.98
CA ARG A 62 4.19 25.68 -8.07
C ARG A 62 5.34 26.51 -7.49
N VAL A 63 5.05 27.42 -6.57
CA VAL A 63 6.04 28.30 -5.88
C VAL A 63 7.16 27.42 -5.29
N LEU A 64 6.80 26.29 -4.67
CA LEU A 64 7.77 25.35 -4.03
C LEU A 64 8.59 24.67 -5.13
N TRP A 65 7.93 24.21 -6.21
CA TRP A 65 8.59 23.53 -7.36
C TRP A 65 9.50 24.49 -8.12
N GLU A 66 9.23 25.80 -8.06
CA GLU A 66 10.07 26.85 -8.70
C GLU A 66 11.43 26.91 -7.98
N LYS A 67 11.45 26.65 -6.68
CA LYS A 67 12.68 26.71 -5.85
C LYS A 67 13.56 25.49 -6.13
N THR A 68 13.01 24.43 -6.72
CA THR A 68 13.77 23.18 -7.02
C THR A 68 14.60 23.38 -8.28
N GLY A 69 14.18 24.27 -9.18
CA GLY A 69 14.83 24.53 -10.48
C GLY A 69 14.17 23.74 -11.59
N HIS A 70 13.37 22.74 -11.25
CA HIS A 70 12.72 21.82 -12.22
C HIS A 70 11.67 22.58 -13.05
N TRP A 71 11.08 23.65 -12.51
CA TRP A 71 10.02 24.39 -13.23
C TRP A 71 10.57 24.88 -14.57
N ASP A 72 11.72 25.55 -14.55
CA ASP A 72 12.32 26.17 -15.77
C ASP A 72 12.60 25.08 -16.82
N ASN A 73 13.05 23.89 -16.40
CA ASN A 73 13.56 22.85 -17.33
C ASN A 73 12.49 21.82 -17.70
N TYR A 74 11.47 21.57 -16.85
CA TYR A 74 10.52 20.45 -17.05
C TYR A 74 9.06 20.88 -16.79
N LYS A 75 8.75 22.17 -16.87
CA LYS A 75 7.36 22.67 -16.72
C LYS A 75 6.41 21.93 -17.69
N ASP A 76 6.85 21.68 -18.93
CA ASP A 76 5.97 21.09 -19.98
C ASP A 76 5.81 19.58 -19.76
N ALA A 77 6.64 18.97 -18.90
CA ALA A 77 6.52 17.54 -18.54
C ALA A 77 5.67 17.39 -17.28
N MET A 78 5.15 18.49 -16.73
CA MET A 78 4.44 18.49 -15.42
C MET A 78 2.95 18.77 -15.62
N PHE A 79 2.09 17.94 -15.05
CA PHE A 79 0.63 18.22 -14.89
C PHE A 79 0.47 19.31 -13.83
N THR A 80 -0.28 20.37 -14.16
CA THR A 80 -0.62 21.49 -13.24
C THR A 80 -2.14 21.57 -13.07
N THR A 81 -2.57 22.08 -11.91
CA THR A 81 -3.99 22.36 -11.57
C THR A 81 -4.01 23.58 -10.64
N SER A 82 -5.06 24.40 -10.75
CA SER A 82 -5.22 25.65 -9.96
C SER A 82 -6.37 25.52 -8.96
N SER A 83 -6.30 26.28 -7.87
CA SER A 83 -7.39 26.43 -6.86
C SER A 83 -7.17 27.75 -6.10
N GLU A 84 -8.19 28.63 -6.09
CA GLU A 84 -8.20 29.87 -5.28
C GLU A 84 -6.95 30.72 -5.62
N ASN A 85 -6.68 30.92 -6.92
CA ASN A 85 -5.61 31.79 -7.47
C ASN A 85 -4.22 31.19 -7.20
N ARG A 86 -4.15 29.90 -6.86
CA ARG A 86 -2.87 29.20 -6.57
C ARG A 86 -2.72 28.03 -7.54
N GLU A 87 -1.55 27.91 -8.16
CA GLU A 87 -1.22 26.83 -9.11
C GLU A 87 -0.44 25.74 -8.37
N TYR A 88 -0.83 24.48 -8.58
CA TYR A 88 -0.21 23.28 -7.96
C TYR A 88 0.29 22.35 -9.07
N CYS A 89 1.46 21.75 -8.87
CA CYS A 89 2.03 20.69 -9.73
C CYS A 89 1.64 19.33 -9.14
N ILE A 90 1.13 18.41 -9.97
CA ILE A 90 1.02 16.97 -9.63
C ILE A 90 2.46 16.42 -9.60
N LYS A 91 2.90 15.83 -8.48
CA LYS A 91 4.34 15.54 -8.26
C LYS A 91 4.82 14.58 -9.35
N PRO A 92 5.87 14.97 -10.11
CA PRO A 92 6.60 14.04 -10.98
C PRO A 92 7.76 13.33 -10.28
N MET A 93 8.13 13.81 -9.09
CA MET A 93 9.26 13.27 -8.27
C MET A 93 8.93 13.42 -6.78
N ASN A 94 9.55 12.62 -5.93
CA ASN A 94 9.24 12.53 -4.48
C ASN A 94 10.22 13.36 -3.66
N CYS A 95 11.32 13.82 -4.26
CA CYS A 95 12.49 14.40 -3.53
C CYS A 95 12.04 15.62 -2.72
N PRO A 96 11.41 16.64 -3.35
CA PRO A 96 11.02 17.85 -2.62
C PRO A 96 10.07 17.54 -1.46
N GLY A 97 9.17 16.56 -1.64
CA GLY A 97 8.26 16.05 -0.60
C GLY A 97 9.03 15.50 0.59
N HIS A 98 10.08 14.73 0.32
CA HIS A 98 10.96 14.12 1.36
C HIS A 98 11.73 15.21 2.11
N VAL A 99 12.17 16.27 1.42
CA VAL A 99 12.88 17.42 2.07
C VAL A 99 11.91 18.10 3.05
N GLN A 100 10.64 18.26 2.66
CA GLN A 100 9.62 18.90 3.53
C GLN A 100 9.51 18.11 4.84
N ILE A 101 9.52 16.78 4.78
CA ILE A 101 9.43 15.91 6.00
C ILE A 101 10.73 16.06 6.81
N PHE A 102 11.89 16.06 6.15
CA PHE A 102 13.21 16.29 6.80
C PHE A 102 13.18 17.63 7.55
N ASN A 103 12.58 18.67 6.96
CA ASN A 103 12.57 20.05 7.50
C ASN A 103 11.60 20.19 8.69
N GLN A 104 10.79 19.16 8.99
CA GLN A 104 9.90 19.19 10.18
C GLN A 104 10.70 18.66 11.39
N GLY A 105 11.06 19.56 12.30
CA GLY A 105 11.88 19.24 13.47
C GLY A 105 13.33 19.61 13.26
N LEU A 106 14.03 20.00 14.31
CA LEU A 106 15.48 20.29 14.26
C LEU A 106 16.25 18.98 14.05
N LYS A 107 17.13 18.95 13.05
CA LYS A 107 17.92 17.74 12.69
C LYS A 107 19.35 17.91 13.24
N SER A 108 19.90 16.82 13.78
CA SER A 108 21.26 16.71 14.34
C SER A 108 22.11 15.82 13.42
N TYR A 109 23.44 15.91 13.53
CA TYR A 109 24.40 14.98 12.87
C TYR A 109 24.07 13.54 13.32
N ARG A 110 23.52 13.39 14.53
CA ARG A 110 23.11 12.10 15.14
C ARG A 110 21.98 11.44 14.33
N ASP A 111 21.19 12.22 13.60
CA ASP A 111 20.04 11.72 12.78
C ASP A 111 20.52 11.24 11.41
N LEU A 112 21.79 11.48 11.06
CA LEU A 112 22.37 11.12 9.74
C LEU A 112 23.21 9.85 9.89
N PRO A 113 23.24 8.95 8.88
CA PRO A 113 22.44 9.11 7.65
C PRO A 113 20.94 8.86 7.88
N LEU A 114 20.08 9.72 7.31
CA LEU A 114 18.60 9.58 7.37
C LEU A 114 18.13 9.05 6.01
N ARG A 115 17.66 7.81 6.00
CA ARG A 115 17.22 7.08 4.77
C ARG A 115 15.69 7.12 4.73
N MET A 116 15.14 7.79 3.71
CA MET A 116 13.68 8.06 3.56
C MET A 116 13.20 7.41 2.26
N ALA A 117 12.46 6.30 2.37
CA ALA A 117 11.91 5.55 1.23
C ALA A 117 10.43 5.88 1.05
N GLU A 118 9.93 5.76 -0.17
CA GLU A 118 8.50 5.95 -0.51
C GLU A 118 8.20 5.17 -1.79
N PHE A 119 7.07 4.46 -1.80
CA PHE A 119 6.40 3.99 -3.05
C PHE A 119 5.66 5.19 -3.63
N GLY A 120 6.40 6.04 -4.34
CA GLY A 120 5.97 7.39 -4.74
C GLY A 120 5.19 7.38 -6.03
N SER A 121 3.88 7.60 -5.95
CA SER A 121 2.96 7.71 -7.12
C SER A 121 3.23 9.03 -7.82
N CYS A 122 3.91 8.98 -8.97
CA CYS A 122 4.37 10.15 -9.75
C CYS A 122 3.61 10.21 -11.08
N HIS A 123 3.52 11.41 -11.66
CA HIS A 123 2.83 11.67 -12.94
C HIS A 123 3.70 12.59 -13.81
N ARG A 124 3.94 12.18 -15.05
CA ARG A 124 4.68 12.98 -16.07
C ARG A 124 3.80 13.12 -17.32
N ASN A 125 3.71 14.33 -17.85
CA ASN A 125 2.91 14.65 -19.06
C ASN A 125 3.69 14.17 -20.30
N GLU A 126 3.78 12.86 -20.47
CA GLU A 126 4.56 12.19 -21.56
C GLU A 126 3.74 12.24 -22.85
N PRO A 127 4.39 12.38 -24.03
CA PRO A 127 3.69 12.34 -25.31
C PRO A 127 2.92 11.02 -25.49
N SER A 128 1.62 11.12 -25.77
CA SER A 128 0.68 9.97 -25.90
C SER A 128 1.13 9.02 -27.00
N GLY A 129 1.72 9.57 -28.07
CA GLY A 129 2.22 8.81 -29.24
C GLY A 129 3.27 7.78 -28.88
N ALA A 130 4.03 8.01 -27.80
CA ALA A 130 5.19 7.19 -27.36
C ALA A 130 4.85 6.34 -26.13
N LEU A 131 3.57 6.25 -25.74
CA LEU A 131 3.12 5.41 -24.59
C LEU A 131 3.03 3.95 -25.06
N HIS A 132 3.68 3.04 -24.33
CA HIS A 132 3.72 1.59 -24.66
C HIS A 132 3.53 0.75 -23.39
N GLY A 133 2.32 0.24 -23.19
CA GLY A 133 1.96 -0.72 -22.12
C GLY A 133 2.41 -0.24 -20.75
N LEU A 134 3.12 -1.10 -20.01
CA LEU A 134 3.66 -0.83 -18.64
C LEU A 134 5.06 -0.20 -18.72
N MET A 135 5.68 -0.18 -19.91
CA MET A 135 7.09 0.26 -20.11
C MET A 135 7.17 1.79 -20.15
N ARG A 136 6.28 2.42 -20.93
CA ARG A 136 6.21 3.90 -21.09
C ARG A 136 4.80 4.37 -20.69
N VAL A 137 4.70 5.00 -19.52
CA VAL A 137 3.41 5.40 -18.88
C VAL A 137 3.51 6.87 -18.46
N ARG A 138 2.37 7.46 -18.08
CA ARG A 138 2.27 8.82 -17.49
C ARG A 138 2.24 8.70 -15.96
N GLY A 139 1.47 7.75 -15.43
CA GLY A 139 1.35 7.46 -13.98
C GLY A 139 2.19 6.26 -13.59
N PHE A 140 3.20 6.46 -12.75
CA PHE A 140 4.15 5.40 -12.33
C PHE A 140 4.44 5.49 -10.83
N THR A 141 4.90 4.36 -10.28
CA THR A 141 5.29 4.19 -8.86
C THR A 141 6.78 3.85 -8.81
N GLN A 142 7.58 4.70 -8.18
CA GLN A 142 9.04 4.46 -7.99
C GLN A 142 9.27 3.78 -6.64
N ASP A 143 10.11 2.75 -6.61
CA ASP A 143 10.75 2.24 -5.36
C ASP A 143 11.82 3.27 -4.95
N ASP A 144 11.37 4.46 -4.57
CA ASP A 144 12.22 5.66 -4.41
C ASP A 144 12.77 5.73 -2.98
N ALA A 145 13.91 6.40 -2.82
CA ALA A 145 14.45 6.79 -1.50
C ALA A 145 15.44 7.94 -1.68
N HIS A 146 15.48 8.80 -0.66
CA HIS A 146 16.49 9.89 -0.53
C HIS A 146 17.25 9.68 0.78
N ILE A 147 18.58 9.64 0.68
CA ILE A 147 19.48 9.55 1.87
C ILE A 147 20.06 10.94 2.12
N PHE A 148 19.81 11.48 3.32
CA PHE A 148 20.43 12.74 3.81
C PHE A 148 21.63 12.32 4.66
N CYS A 149 22.82 12.78 4.29
CA CYS A 149 24.08 12.36 4.96
C CYS A 149 25.16 13.43 4.83
N THR A 150 26.23 13.29 5.62
CA THR A 150 27.45 14.15 5.58
C THR A 150 28.27 13.73 4.36
N GLU A 151 29.19 14.59 3.91
CA GLU A 151 30.16 14.30 2.82
C GLU A 151 30.94 13.03 3.17
N GLU A 152 31.29 12.85 4.45
CA GLU A 152 32.12 11.73 4.98
C GLU A 152 31.35 10.41 4.87
N GLN A 153 30.01 10.46 4.88
CA GLN A 153 29.13 9.26 4.92
C GLN A 153 28.75 8.80 3.51
N ILE A 154 29.08 9.57 2.46
CA ILE A 154 28.64 9.27 1.06
C ILE A 154 29.13 7.88 0.64
N ARG A 155 30.43 7.60 0.81
CA ARG A 155 31.06 6.32 0.39
C ARG A 155 30.28 5.14 0.98
N ASP A 156 30.10 5.13 2.31
CA ASP A 156 29.42 4.02 3.04
C ASP A 156 27.96 3.91 2.56
N GLU A 157 27.26 5.03 2.37
CA GLU A 157 25.84 5.04 1.95
C GLU A 157 25.70 4.52 0.51
N VAL A 158 26.59 4.93 -0.40
CA VAL A 158 26.59 4.45 -1.81
C VAL A 158 26.96 2.97 -1.82
N ASN A 159 27.90 2.54 -0.97
CA ASN A 159 28.31 1.12 -0.81
C ASN A 159 27.06 0.26 -0.55
N ALA A 160 26.25 0.66 0.43
CA ALA A 160 25.04 -0.06 0.87
C ALA A 160 23.99 -0.07 -0.25
N CYS A 161 23.87 1.02 -1.01
CA CYS A 161 22.94 1.13 -2.18
C CYS A 161 23.33 0.11 -3.25
N ILE A 162 24.63 -0.05 -3.52
CA ILE A 162 25.18 -1.00 -4.53
C ILE A 162 24.80 -2.43 -4.12
N ARG A 163 25.06 -2.81 -2.87
CA ARG A 163 24.72 -4.15 -2.32
C ARG A 163 23.22 -4.40 -2.47
N MET A 164 22.40 -3.41 -2.13
CA MET A 164 20.92 -3.49 -2.21
C MET A 164 20.49 -3.76 -3.65
N VAL A 165 21.12 -3.08 -4.62
CA VAL A 165 20.83 -3.24 -6.07
C VAL A 165 21.05 -4.72 -6.46
N TYR A 166 22.25 -5.26 -6.19
CA TYR A 166 22.65 -6.63 -6.62
C TYR A 166 21.83 -7.66 -5.84
N ASP A 167 21.60 -7.39 -4.56
CA ASP A 167 20.75 -8.21 -3.65
C ASP A 167 19.36 -8.37 -4.28
N MET A 168 18.72 -7.26 -4.63
CA MET A 168 17.33 -7.24 -5.15
C MET A 168 17.25 -7.83 -6.56
N TYR A 169 18.22 -7.53 -7.44
CA TYR A 169 18.24 -8.08 -8.82
C TYR A 169 18.41 -9.62 -8.79
N SER A 170 19.22 -10.14 -7.88
CA SER A 170 19.50 -11.60 -7.73
C SER A 170 18.21 -12.37 -7.43
N THR A 171 17.28 -11.75 -6.69
CA THR A 171 15.97 -12.37 -6.31
C THR A 171 15.21 -12.78 -7.58
N PHE A 172 15.25 -11.96 -8.64
CA PHE A 172 14.48 -12.17 -9.88
C PHE A 172 15.32 -12.89 -10.93
N GLY A 173 16.54 -13.32 -10.57
CA GLY A 173 17.45 -14.13 -11.41
C GLY A 173 18.28 -13.28 -12.36
N PHE A 174 18.36 -11.97 -12.12
CA PHE A 174 19.20 -11.02 -12.91
C PHE A 174 20.60 -10.92 -12.27
N GLU A 175 21.58 -11.60 -12.89
CA GLU A 175 22.97 -11.73 -12.40
C GLU A 175 23.95 -11.04 -13.37
N LYS A 176 23.52 -10.73 -14.59
CA LYS A 176 24.36 -9.97 -15.58
C LYS A 176 23.98 -8.48 -15.49
N ILE A 177 24.84 -7.70 -14.83
CA ILE A 177 24.62 -6.25 -14.52
C ILE A 177 25.74 -5.42 -15.15
N VAL A 178 25.39 -4.42 -15.95
CA VAL A 178 26.35 -3.43 -16.53
C VAL A 178 26.22 -2.12 -15.73
N VAL A 179 27.34 -1.57 -15.29
CA VAL A 179 27.42 -0.38 -14.38
C VAL A 179 28.17 0.75 -15.09
N LYS A 180 27.57 1.95 -15.12
CA LYS A 180 28.14 3.15 -15.78
C LYS A 180 28.14 4.31 -14.79
N LEU A 181 29.29 4.96 -14.63
CA LEU A 181 29.47 6.15 -13.75
C LEU A 181 29.54 7.38 -14.66
N SER A 182 28.56 8.28 -14.54
CA SER A 182 28.46 9.55 -15.31
C SER A 182 29.23 10.65 -14.59
N THR A 183 30.20 11.27 -15.26
CA THR A 183 31.17 12.23 -14.67
C THR A 183 30.73 13.66 -14.98
N ARG A 184 31.45 14.64 -14.41
CA ARG A 184 31.10 16.08 -14.39
C ARG A 184 30.78 16.58 -15.79
N PRO A 185 29.61 17.25 -15.99
CA PRO A 185 29.28 17.85 -17.28
C PRO A 185 29.99 19.19 -17.48
N ASP A 186 29.90 19.77 -18.68
CA ASP A 186 30.51 21.07 -19.04
C ASP A 186 30.00 22.16 -18.09
N LYS A 187 28.67 22.26 -17.96
CA LYS A 187 27.98 23.17 -17.00
C LYS A 187 27.65 22.38 -15.73
N ARG A 188 28.27 22.74 -14.60
CA ARG A 188 28.18 22.03 -13.30
C ARG A 188 28.31 23.02 -12.14
N ILE A 189 27.73 22.69 -10.97
CA ILE A 189 27.84 23.53 -9.74
C ILE A 189 29.05 23.06 -8.93
N GLY A 190 29.55 23.91 -8.03
CA GLY A 190 30.65 23.58 -7.10
C GLY A 190 32.00 23.55 -7.78
N SER A 191 33.06 23.38 -6.99
CA SER A 191 34.47 23.35 -7.45
C SER A 191 34.75 22.05 -8.22
N ASP A 192 35.87 22.01 -8.95
CA ASP A 192 36.40 20.77 -9.60
C ASP A 192 36.80 19.76 -8.51
N GLU A 193 37.18 20.25 -7.32
CA GLU A 193 37.60 19.43 -6.14
C GLU A 193 36.40 18.62 -5.62
N MET A 194 35.28 19.28 -5.36
CA MET A 194 34.01 18.66 -4.90
C MET A 194 33.64 17.50 -5.85
N TRP A 195 33.77 17.73 -7.16
CA TRP A 195 33.47 16.73 -8.21
C TRP A 195 34.49 15.58 -8.18
N ASP A 196 35.78 15.89 -7.98
CA ASP A 196 36.84 14.86 -7.82
C ASP A 196 36.45 13.91 -6.68
N ARG A 197 36.06 14.47 -5.53
CA ARG A 197 35.68 13.71 -4.31
C ARG A 197 34.37 12.96 -4.54
N ALA A 198 33.38 13.62 -5.14
CA ALA A 198 32.04 13.04 -5.45
C ALA A 198 32.21 11.84 -6.39
N GLU A 199 32.96 11.99 -7.49
CA GLU A 199 33.22 10.92 -8.47
C GLU A 199 34.05 9.80 -7.83
N ALA A 200 35.04 10.15 -7.01
CA ALA A 200 35.89 9.21 -6.24
C ALA A 200 35.02 8.37 -5.31
N ASP A 201 34.07 9.00 -4.60
CA ASP A 201 33.16 8.34 -3.64
C ASP A 201 32.39 7.22 -4.34
N LEU A 202 31.85 7.50 -5.53
CA LEU A 202 31.08 6.50 -6.33
C LEU A 202 32.03 5.38 -6.80
N ALA A 203 33.20 5.75 -7.33
CA ALA A 203 34.20 4.80 -7.87
C ALA A 203 34.67 3.86 -6.75
N VAL A 204 35.01 4.41 -5.58
CA VAL A 204 35.53 3.63 -4.42
C VAL A 204 34.43 2.71 -3.89
N ALA A 205 33.18 3.19 -3.81
CA ALA A 205 32.01 2.39 -3.37
C ALA A 205 31.87 1.16 -4.28
N LEU A 206 32.00 1.34 -5.60
CA LEU A 206 31.90 0.24 -6.60
C LEU A 206 33.10 -0.71 -6.43
N GLU A 207 34.31 -0.17 -6.30
CA GLU A 207 35.57 -0.92 -6.04
C GLU A 207 35.42 -1.78 -4.78
N GLU A 208 34.94 -1.18 -3.68
CA GLU A 208 34.71 -1.85 -2.37
C GLU A 208 33.80 -3.08 -2.54
N ASN A 209 32.91 -3.07 -3.54
CA ASN A 209 31.97 -4.18 -3.86
C ASN A 209 32.53 -5.07 -4.98
N ASN A 210 33.77 -4.83 -5.40
CA ASN A 210 34.48 -5.63 -6.43
C ASN A 210 33.69 -5.58 -7.74
N ILE A 211 33.11 -4.42 -8.07
CA ILE A 211 32.23 -4.23 -9.28
C ILE A 211 33.05 -3.54 -10.38
N PRO A 212 33.35 -4.22 -11.50
CA PRO A 212 33.88 -3.53 -12.67
C PRO A 212 32.79 -2.64 -13.29
N PHE A 213 33.19 -1.49 -13.83
CA PHE A 213 32.27 -0.52 -14.49
C PHE A 213 33.03 0.26 -15.57
N GLU A 214 32.33 1.16 -16.25
CA GLU A 214 32.92 2.11 -17.23
C GLU A 214 32.34 3.51 -17.00
N TYR A 215 32.98 4.53 -17.55
CA TYR A 215 32.51 5.94 -17.47
C TYR A 215 31.56 6.24 -18.63
N GLN A 216 30.57 7.09 -18.36
CA GLN A 216 29.86 7.92 -19.37
C GLN A 216 30.32 9.36 -19.17
N LEU A 217 31.34 9.77 -19.93
CA LEU A 217 32.07 11.06 -19.72
C LEU A 217 31.14 12.24 -20.01
N GLY A 218 31.04 13.18 -19.07
CA GLY A 218 30.30 14.45 -19.24
C GLY A 218 28.79 14.27 -19.14
N GLU A 219 28.29 13.05 -18.90
CA GLU A 219 26.84 12.72 -18.86
C GLU A 219 26.26 12.97 -17.47
N GLY A 220 27.09 13.32 -16.48
CA GLY A 220 26.65 13.62 -15.11
C GLY A 220 25.68 14.78 -15.07
N ALA A 221 24.85 14.86 -14.02
CA ALA A 221 23.85 15.93 -13.80
C ALA A 221 24.56 17.21 -13.33
N PHE A 222 23.90 18.36 -13.50
CA PHE A 222 24.37 19.71 -13.07
C PHE A 222 24.80 19.64 -11.60
N TYR A 223 24.08 18.84 -10.80
CA TYR A 223 24.10 18.85 -9.32
C TYR A 223 24.84 17.63 -8.74
N GLY A 224 25.38 16.74 -9.57
CA GLY A 224 26.31 15.68 -9.09
C GLY A 224 26.43 14.50 -10.06
N PRO A 225 27.42 13.61 -9.82
CA PRO A 225 27.58 12.39 -10.62
C PRO A 225 26.59 11.31 -10.18
N LYS A 226 26.39 10.30 -11.02
CA LYS A 226 25.47 9.17 -10.76
C LYS A 226 26.12 7.85 -11.18
N ILE A 227 25.63 6.75 -10.60
CA ILE A 227 25.81 5.37 -11.12
C ILE A 227 24.47 4.92 -11.71
N GLU A 228 24.51 4.31 -12.89
CA GLU A 228 23.32 3.65 -13.51
C GLU A 228 23.61 2.16 -13.66
N PHE A 229 22.62 1.33 -13.33
CA PHE A 229 22.68 -0.15 -13.41
C PHE A 229 21.73 -0.64 -14.50
N THR A 230 22.25 -1.49 -15.40
CA THR A 230 21.50 -2.10 -16.54
C THR A 230 21.50 -3.61 -16.35
N LEU A 231 20.31 -4.21 -16.19
CA LEU A 231 20.17 -5.69 -16.05
C LEU A 231 19.86 -6.28 -17.43
N TYR A 232 20.29 -7.52 -17.65
CA TYR A 232 20.02 -8.30 -18.88
C TYR A 232 19.08 -9.45 -18.52
N ASP A 233 17.93 -9.51 -19.21
CA ASP A 233 16.93 -10.60 -19.05
C ASP A 233 17.50 -11.87 -19.70
N CYS A 234 16.70 -12.95 -19.75
CA CYS A 234 17.11 -14.28 -20.28
C CYS A 234 17.28 -14.22 -21.81
N LEU A 235 16.66 -13.24 -22.47
CA LEU A 235 16.81 -12.97 -23.94
C LEU A 235 18.06 -12.11 -24.19
N ASP A 236 18.79 -11.72 -23.13
CA ASP A 236 20.00 -10.88 -23.19
C ASP A 236 19.63 -9.48 -23.69
N ARG A 237 18.40 -9.04 -23.44
CA ARG A 237 17.93 -7.65 -23.68
C ARG A 237 18.32 -6.78 -22.48
N ALA A 238 18.76 -5.55 -22.73
CA ALA A 238 19.25 -4.59 -21.72
C ALA A 238 18.08 -3.74 -21.19
N TRP A 239 17.96 -3.65 -19.85
CA TRP A 239 17.00 -2.75 -19.16
C TRP A 239 17.76 -1.92 -18.13
N GLN A 240 17.82 -0.59 -18.34
CA GLN A 240 18.35 0.36 -17.33
C GLN A 240 17.25 0.59 -16.29
N CYS A 241 17.51 0.21 -15.05
CA CYS A 241 16.51 0.27 -13.96
C CYS A 241 17.06 1.08 -12.80
N GLY A 242 18.24 0.72 -12.29
CA GLY A 242 18.79 1.28 -11.06
C GLY A 242 19.56 2.56 -11.29
N THR A 243 19.47 3.50 -10.36
CA THR A 243 20.24 4.76 -10.39
C THR A 243 20.59 5.16 -8.96
N VAL A 244 21.83 5.58 -8.75
CA VAL A 244 22.28 6.22 -7.47
C VAL A 244 22.79 7.61 -7.89
N GLN A 245 22.10 8.67 -7.49
CA GLN A 245 22.40 10.05 -7.97
C GLN A 245 22.77 10.93 -6.77
N LEU A 246 23.99 11.48 -6.77
CA LEU A 246 24.41 12.48 -5.76
C LEU A 246 23.81 13.83 -6.15
N ASP A 247 23.44 14.63 -5.14
CA ASP A 247 22.73 15.93 -5.35
C ASP A 247 23.26 16.93 -4.31
N PHE A 248 24.05 17.91 -4.76
CA PHE A 248 24.65 18.98 -3.93
C PHE A 248 23.85 20.29 -4.11
N SER A 249 22.64 20.20 -4.67
CA SER A 249 21.80 21.36 -5.04
C SER A 249 20.51 21.43 -4.19
N LEU A 250 19.67 20.38 -4.25
CA LEU A 250 18.26 20.44 -3.77
C LEU A 250 18.17 20.77 -2.28
N PRO A 251 18.94 20.11 -1.38
CA PRO A 251 18.84 20.42 0.05
C PRO A 251 18.95 21.93 0.31
N SER A 252 20.02 22.55 -0.20
CA SER A 252 20.29 24.01 -0.08
C SER A 252 19.11 24.82 -0.62
N ARG A 253 18.62 24.45 -1.81
CA ARG A 253 17.50 25.15 -2.51
C ARG A 253 16.24 25.16 -1.65
N LEU A 254 16.01 24.09 -0.88
CA LEU A 254 14.78 23.89 -0.08
C LEU A 254 15.09 24.05 1.41
N SER A 255 16.18 24.73 1.74
CA SER A 255 16.59 25.18 3.10
C SER A 255 16.67 23.98 4.06
N ALA A 256 17.23 22.86 3.59
CA ALA A 256 17.55 21.68 4.41
C ALA A 256 18.86 21.92 5.16
N SER A 257 18.85 21.72 6.48
CA SER A 257 20.03 21.91 7.36
C SER A 257 19.99 20.93 8.53
N TYR A 258 21.15 20.68 9.14
CA TYR A 258 21.33 19.93 10.40
C TYR A 258 22.39 20.62 11.27
N VAL A 259 22.27 20.47 12.59
CA VAL A 259 23.27 20.98 13.57
C VAL A 259 24.46 20.02 13.58
N GLY A 260 25.59 20.45 12.98
CA GLY A 260 26.83 19.66 12.92
C GLY A 260 27.37 19.34 14.30
N GLU A 261 28.40 18.49 14.37
CA GLU A 261 29.07 18.06 15.64
C GLU A 261 29.81 19.25 16.26
N ASP A 262 30.26 20.21 15.45
CA ASP A 262 30.95 21.46 15.88
C ASP A 262 29.92 22.55 16.21
N ASN A 263 28.63 22.21 16.17
CA ASN A 263 27.47 23.08 16.55
C ASN A 263 27.18 24.11 15.44
N GLU A 264 27.84 23.99 14.28
CA GLU A 264 27.61 24.87 13.10
C GLU A 264 26.48 24.25 12.25
N ARG A 265 25.61 25.09 11.71
CA ARG A 265 24.51 24.70 10.78
C ARG A 265 25.15 24.25 9.46
N LYS A 266 24.81 23.05 9.00
CA LYS A 266 25.38 22.45 7.76
C LYS A 266 24.23 22.00 6.84
N VAL A 267 24.46 22.04 5.51
CA VAL A 267 23.53 21.52 4.47
C VAL A 267 23.85 20.05 4.26
N PRO A 268 22.87 19.12 4.36
CA PRO A 268 23.13 17.70 4.12
C PRO A 268 23.33 17.43 2.63
N VAL A 269 24.16 16.43 2.30
CA VAL A 269 24.24 15.85 0.94
C VAL A 269 23.00 14.99 0.75
N MET A 270 22.43 14.98 -0.46
CA MET A 270 21.27 14.13 -0.81
C MET A 270 21.73 13.06 -1.80
N ILE A 271 21.34 11.81 -1.56
CA ILE A 271 21.51 10.71 -2.54
C ILE A 271 20.12 10.27 -2.98
N HIS A 272 19.79 10.43 -4.26
CA HIS A 272 18.58 9.83 -4.86
C HIS A 272 18.92 8.41 -5.27
N ARG A 273 18.03 7.45 -5.03
CA ARG A 273 18.27 6.05 -5.51
C ARG A 273 16.94 5.34 -5.75
N ALA A 274 16.88 4.63 -6.87
CA ALA A 274 15.78 3.71 -7.24
C ALA A 274 16.42 2.45 -7.79
N ILE A 275 15.92 1.26 -7.43
CA ILE A 275 16.56 -0.02 -7.85
C ILE A 275 15.72 -0.64 -8.97
N LEU A 276 14.44 -0.89 -8.73
CA LEU A 276 13.51 -1.42 -9.76
C LEU A 276 13.22 -0.31 -10.77
N GLY A 277 13.22 0.94 -10.31
CA GLY A 277 12.96 2.14 -11.12
C GLY A 277 11.49 2.50 -11.13
N SER A 278 10.76 2.02 -12.15
CA SER A 278 9.28 2.07 -12.23
C SER A 278 8.72 0.68 -11.90
N MET A 279 7.89 0.58 -10.85
CA MET A 279 7.29 -0.70 -10.39
C MET A 279 6.50 -1.33 -11.55
N GLU A 280 5.77 -0.50 -12.29
CA GLU A 280 4.93 -0.90 -13.46
C GLU A 280 5.82 -1.48 -14.56
N ARG A 281 6.87 -0.74 -14.93
CA ARG A 281 7.89 -1.18 -15.92
C ARG A 281 8.54 -2.48 -15.45
N PHE A 282 8.89 -2.58 -14.16
CA PHE A 282 9.60 -3.76 -13.62
C PHE A 282 8.68 -4.99 -13.69
N ILE A 283 7.38 -4.81 -13.44
CA ILE A 283 6.36 -5.88 -13.60
C ILE A 283 6.31 -6.27 -15.09
N GLY A 284 6.28 -5.26 -15.98
CA GLY A 284 6.34 -5.46 -17.44
C GLY A 284 7.51 -6.35 -17.82
N ILE A 285 8.70 -6.04 -17.29
CA ILE A 285 9.98 -6.77 -17.55
C ILE A 285 9.88 -8.20 -17.02
N LEU A 286 9.45 -8.37 -15.76
CA LEU A 286 9.28 -9.70 -15.11
C LEU A 286 8.29 -10.55 -15.92
N THR A 287 7.17 -9.97 -16.36
CA THR A 287 6.11 -10.64 -17.15
C THR A 287 6.76 -11.30 -18.37
N GLU A 288 7.60 -10.57 -19.10
CA GLU A 288 8.29 -11.04 -20.33
C GLU A 288 9.42 -12.01 -19.95
N GLU A 289 10.20 -11.68 -18.91
CA GLU A 289 11.31 -12.52 -18.38
C GLU A 289 10.80 -13.93 -18.08
N PHE A 290 9.66 -14.03 -17.38
CA PHE A 290 9.08 -15.32 -16.92
C PHE A 290 8.03 -15.83 -17.92
N ALA A 291 7.63 -15.00 -18.87
CA ALA A 291 6.58 -15.30 -19.89
C ALA A 291 5.29 -15.72 -19.19
N GLY A 292 4.95 -15.04 -18.09
CA GLY A 292 3.71 -15.27 -17.32
C GLY A 292 3.87 -16.30 -16.21
N PHE A 293 4.97 -17.06 -16.22
CA PHE A 293 5.29 -18.11 -15.22
C PHE A 293 5.95 -17.47 -14.00
N PHE A 294 5.26 -16.52 -13.36
CA PHE A 294 5.76 -15.76 -12.19
C PHE A 294 6.23 -16.74 -11.12
N PRO A 295 7.39 -16.49 -10.45
CA PRO A 295 7.80 -17.29 -9.30
C PRO A 295 6.64 -17.39 -8.29
N THR A 296 6.55 -18.50 -7.57
CA THR A 296 5.38 -18.84 -6.70
C THR A 296 5.04 -17.66 -5.79
N TRP A 297 6.03 -17.03 -5.17
CA TRP A 297 5.82 -15.92 -4.20
C TRP A 297 5.11 -14.73 -4.87
N LEU A 298 5.21 -14.60 -6.20
CA LEU A 298 4.59 -13.49 -6.98
C LEU A 298 3.25 -13.91 -7.60
N ALA A 299 3.04 -15.21 -7.82
CA ALA A 299 1.87 -15.77 -8.56
C ALA A 299 0.56 -15.23 -7.96
N PRO A 300 -0.35 -14.67 -8.78
CA PRO A 300 -1.65 -14.21 -8.28
C PRO A 300 -2.40 -15.30 -7.51
N VAL A 301 -2.50 -16.48 -8.11
CA VAL A 301 -3.01 -17.74 -7.48
C VAL A 301 -1.85 -18.74 -7.46
N GLN A 302 -1.43 -19.19 -6.28
CA GLN A 302 -0.21 -20.03 -6.09
C GLN A 302 -0.57 -21.52 -6.19
N VAL A 303 -1.79 -21.90 -5.82
CA VAL A 303 -2.25 -23.32 -5.74
C VAL A 303 -3.73 -23.38 -6.10
N VAL A 304 -4.11 -24.32 -6.97
CA VAL A 304 -5.53 -24.74 -7.15
C VAL A 304 -5.64 -26.18 -6.66
N VAL A 305 -6.52 -26.43 -5.68
CA VAL A 305 -6.86 -27.81 -5.20
C VAL A 305 -8.08 -28.27 -6.01
N MET A 306 -8.04 -29.50 -6.54
CA MET A 306 -9.08 -30.00 -7.47
C MET A 306 -9.36 -31.48 -7.21
N ASN A 307 -10.65 -31.84 -7.27
CA ASN A 307 -11.14 -33.23 -7.11
C ASN A 307 -11.24 -33.88 -8.50
N ILE A 308 -11.05 -35.19 -8.56
CA ILE A 308 -11.26 -36.01 -9.80
C ILE A 308 -12.77 -36.18 -10.00
N THR A 309 -13.49 -36.57 -8.95
CA THR A 309 -14.97 -36.73 -8.94
C THR A 309 -15.56 -36.01 -7.72
N ASP A 310 -16.90 -36.03 -7.60
CA ASP A 310 -17.64 -35.42 -6.47
C ASP A 310 -17.18 -36.02 -5.13
N SER A 311 -16.68 -37.26 -5.13
CA SER A 311 -16.36 -38.06 -3.92
C SER A 311 -15.27 -37.39 -3.07
N GLN A 312 -14.40 -36.56 -3.66
CA GLN A 312 -13.26 -35.94 -2.93
C GLN A 312 -13.54 -34.47 -2.61
N SER A 313 -14.78 -34.00 -2.80
CA SER A 313 -15.17 -32.57 -2.63
C SER A 313 -14.83 -32.09 -1.21
N GLU A 314 -15.16 -32.88 -0.18
CA GLU A 314 -14.98 -32.49 1.24
C GLU A 314 -13.49 -32.54 1.62
N TYR A 315 -12.73 -33.48 1.07
CA TYR A 315 -11.26 -33.56 1.27
C TYR A 315 -10.60 -32.30 0.67
N VAL A 316 -11.08 -31.86 -0.50
CA VAL A 316 -10.60 -30.65 -1.21
C VAL A 316 -10.91 -29.41 -0.37
N ASN A 317 -12.12 -29.34 0.22
CA ASN A 317 -12.54 -28.20 1.08
C ASN A 317 -11.62 -28.10 2.29
N GLU A 318 -11.31 -29.23 2.93
CA GLU A 318 -10.43 -29.29 4.14
C GLU A 318 -9.00 -28.85 3.76
N LEU A 319 -8.47 -29.38 2.66
CA LEU A 319 -7.08 -29.13 2.19
C LEU A 319 -6.94 -27.65 1.80
N THR A 320 -7.96 -27.09 1.14
CA THR A 320 -8.01 -25.66 0.70
C THR A 320 -7.98 -24.76 1.94
N GLN A 321 -8.69 -25.15 3.00
CA GLN A 321 -8.72 -24.42 4.30
C GLN A 321 -7.34 -24.49 4.96
N LYS A 322 -6.68 -25.64 4.93
CA LYS A 322 -5.32 -25.84 5.52
C LYS A 322 -4.32 -24.92 4.81
N LEU A 323 -4.40 -24.82 3.49
CA LEU A 323 -3.50 -23.99 2.65
C LEU A 323 -3.77 -22.51 2.91
N GLN A 324 -5.06 -22.13 2.97
CA GLN A 324 -5.51 -20.75 3.33
C GLN A 324 -4.87 -20.35 4.67
N ASN A 325 -5.00 -21.21 5.68
CA ASN A 325 -4.48 -20.99 7.06
C ASN A 325 -2.96 -20.82 7.05
N ALA A 326 -2.26 -21.48 6.12
CA ALA A 326 -0.78 -21.45 5.94
C ALA A 326 -0.35 -20.19 5.19
N GLY A 327 -1.31 -19.34 4.79
CA GLY A 327 -1.04 -18.02 4.18
C GLY A 327 -0.86 -18.10 2.67
N ILE A 328 -1.19 -19.26 2.08
CA ILE A 328 -1.02 -19.53 0.61
C ILE A 328 -2.27 -19.02 -0.13
N ARG A 329 -2.05 -18.32 -1.25
CA ARG A 329 -3.13 -17.84 -2.15
C ARG A 329 -3.66 -19.07 -2.92
N VAL A 330 -4.78 -19.63 -2.45
CA VAL A 330 -5.33 -20.93 -2.92
C VAL A 330 -6.76 -20.72 -3.42
N LYS A 331 -7.15 -21.50 -4.43
CA LYS A 331 -8.55 -21.65 -4.90
C LYS A 331 -8.87 -23.15 -4.95
N ALA A 332 -10.14 -23.49 -4.69
CA ALA A 332 -10.70 -24.84 -4.92
C ALA A 332 -11.39 -24.85 -6.29
N ASP A 333 -11.03 -25.80 -7.15
CA ASP A 333 -11.75 -26.09 -8.42
C ASP A 333 -12.60 -27.35 -8.21
N LEU A 334 -13.89 -27.17 -7.90
CA LEU A 334 -14.86 -28.24 -7.57
C LEU A 334 -15.90 -28.38 -8.69
N ARG A 335 -15.65 -27.76 -9.85
CA ARG A 335 -16.56 -27.81 -11.03
C ARG A 335 -16.73 -29.27 -11.49
N ASN A 336 -17.92 -29.61 -12.01
CA ASN A 336 -18.20 -30.94 -12.62
C ASN A 336 -17.53 -30.98 -13.99
N GLU A 337 -16.19 -31.07 -14.00
CA GLU A 337 -15.34 -31.08 -15.22
C GLU A 337 -14.29 -32.20 -15.07
N LYS A 338 -13.77 -32.68 -16.19
CA LYS A 338 -12.69 -33.71 -16.23
C LYS A 338 -11.40 -33.12 -15.63
N ILE A 339 -10.62 -33.95 -14.93
CA ILE A 339 -9.36 -33.51 -14.24
C ILE A 339 -8.42 -32.92 -15.30
N GLY A 340 -8.40 -33.48 -16.51
CA GLY A 340 -7.61 -32.99 -17.66
C GLY A 340 -7.96 -31.55 -18.00
N PHE A 341 -9.26 -31.26 -18.11
CA PHE A 341 -9.82 -29.91 -18.39
C PHE A 341 -9.35 -28.91 -17.32
N LYS A 342 -9.43 -29.29 -16.04
CA LYS A 342 -9.06 -28.41 -14.90
C LYS A 342 -7.57 -28.06 -14.99
N ILE A 343 -6.72 -29.08 -15.15
CA ILE A 343 -5.23 -28.94 -15.21
C ILE A 343 -4.87 -28.00 -16.37
N ARG A 344 -5.43 -28.24 -17.56
CA ARG A 344 -5.16 -27.44 -18.79
C ARG A 344 -5.52 -25.97 -18.56
N GLU A 345 -6.68 -25.70 -17.95
CA GLU A 345 -7.19 -24.32 -17.69
C GLU A 345 -6.22 -23.59 -16.75
N HIS A 346 -5.85 -24.22 -15.63
CA HIS A 346 -5.02 -23.62 -14.56
C HIS A 346 -3.55 -23.57 -14.99
N THR A 347 -3.12 -24.48 -15.88
CA THR A 347 -1.80 -24.43 -16.56
C THR A 347 -1.73 -23.20 -17.46
N LEU A 348 -2.80 -22.93 -18.23
CA LEU A 348 -2.89 -21.78 -19.15
C LEU A 348 -2.89 -20.46 -18.35
N ARG A 349 -3.40 -20.49 -17.11
CA ARG A 349 -3.44 -19.32 -16.19
C ARG A 349 -2.14 -19.26 -15.36
N ARG A 350 -1.23 -20.20 -15.59
CA ARG A 350 0.16 -20.21 -15.04
C ARG A 350 0.13 -20.33 -13.52
N VAL A 351 -0.79 -21.15 -12.98
CA VAL A 351 -0.82 -21.46 -11.52
C VAL A 351 0.35 -22.40 -11.24
N PRO A 352 1.30 -22.01 -10.35
CA PRO A 352 2.47 -22.83 -10.05
C PRO A 352 2.20 -24.31 -9.75
N TYR A 353 1.20 -24.57 -8.91
CA TYR A 353 0.88 -25.93 -8.38
C TYR A 353 -0.61 -26.21 -8.46
N MET A 354 -0.95 -27.38 -8.99
CA MET A 354 -2.31 -27.96 -8.97
C MET A 354 -2.26 -29.20 -8.09
N LEU A 355 -3.02 -29.20 -6.99
CA LEU A 355 -3.04 -30.28 -5.97
C LEU A 355 -4.26 -31.17 -6.23
N VAL A 356 -4.00 -32.36 -6.79
CA VAL A 356 -5.05 -33.26 -7.35
C VAL A 356 -5.41 -34.31 -6.29
N CYS A 357 -6.69 -34.42 -5.95
CA CYS A 357 -7.22 -35.35 -4.92
C CYS A 357 -8.14 -36.38 -5.59
N GLY A 358 -7.65 -37.61 -5.73
CA GLY A 358 -8.43 -38.81 -6.08
C GLY A 358 -8.67 -39.66 -4.85
N ASP A 359 -9.37 -40.79 -5.00
CA ASP A 359 -9.74 -41.70 -3.87
C ASP A 359 -8.48 -42.17 -3.16
N LYS A 360 -7.44 -42.54 -3.92
CA LYS A 360 -6.15 -43.05 -3.38
C LYS A 360 -5.46 -41.97 -2.53
N GLU A 361 -5.56 -40.69 -2.92
CA GLU A 361 -4.94 -39.57 -2.15
C GLU A 361 -5.70 -39.37 -0.83
N VAL A 362 -7.03 -39.32 -0.89
CA VAL A 362 -7.93 -39.15 0.29
C VAL A 362 -7.64 -40.27 1.30
N GLU A 363 -7.61 -41.51 0.84
CA GLU A 363 -7.52 -42.73 1.69
C GLU A 363 -6.19 -42.75 2.45
N ALA A 364 -5.12 -42.19 1.87
CA ALA A 364 -3.75 -42.19 2.43
C ALA A 364 -3.44 -40.86 3.16
N GLY A 365 -4.32 -39.86 3.04
CA GLY A 365 -4.10 -38.51 3.62
C GLY A 365 -2.99 -37.77 2.89
N LYS A 366 -2.89 -37.98 1.58
CA LYS A 366 -1.83 -37.42 0.70
C LYS A 366 -2.49 -36.54 -0.37
N VAL A 367 -1.69 -35.98 -1.27
CA VAL A 367 -2.17 -35.15 -2.42
C VAL A 367 -1.19 -35.36 -3.59
N ALA A 368 -1.72 -35.47 -4.81
CA ALA A 368 -0.93 -35.58 -6.07
C ALA A 368 -0.62 -34.17 -6.56
N VAL A 369 0.68 -33.83 -6.67
CA VAL A 369 1.16 -32.47 -7.02
C VAL A 369 1.58 -32.45 -8.50
N ARG A 370 0.93 -31.58 -9.29
CA ARG A 370 1.27 -31.30 -10.71
C ARG A 370 1.71 -29.83 -10.82
N THR A 371 2.84 -29.58 -11.50
CA THR A 371 3.37 -28.21 -11.75
C THR A 371 2.80 -27.72 -13.09
N ARG A 372 2.77 -26.39 -13.29
CA ARG A 372 2.29 -25.75 -14.54
C ARG A 372 3.21 -26.10 -15.73
N ARG A 373 4.43 -26.54 -15.43
CA ARG A 373 5.40 -27.03 -16.46
C ARG A 373 4.99 -28.44 -16.91
N GLY A 374 3.95 -29.02 -16.30
CA GLY A 374 3.34 -30.31 -16.71
C GLY A 374 4.00 -31.50 -16.04
N LYS A 375 4.90 -31.27 -15.07
CA LYS A 375 5.59 -32.35 -14.32
C LYS A 375 4.65 -32.88 -13.21
N ASP A 376 4.65 -34.20 -13.01
CA ASP A 376 3.93 -34.90 -11.91
C ASP A 376 4.97 -35.26 -10.84
N LEU A 377 4.87 -34.65 -9.66
CA LEU A 377 5.80 -34.88 -8.52
C LEU A 377 5.32 -36.09 -7.69
N GLY A 378 4.23 -36.73 -8.10
CA GLY A 378 3.66 -37.92 -7.42
C GLY A 378 2.82 -37.52 -6.22
N SER A 379 2.53 -38.47 -5.33
CA SER A 379 1.66 -38.29 -4.13
C SER A 379 2.52 -38.13 -2.88
N LEU A 380 2.31 -37.03 -2.14
CA LEU A 380 3.10 -36.64 -0.94
C LEU A 380 2.14 -36.35 0.23
N ASP A 381 2.65 -36.44 1.46
CA ASP A 381 1.91 -36.07 2.70
C ASP A 381 1.49 -34.60 2.61
N VAL A 382 0.24 -34.31 2.96
CA VAL A 382 -0.39 -32.95 2.89
C VAL A 382 0.49 -31.95 3.65
N ASN A 383 0.81 -32.25 4.91
CA ASN A 383 1.56 -31.35 5.82
C ASN A 383 2.97 -31.10 5.29
N ASP A 384 3.60 -32.12 4.68
CA ASP A 384 4.97 -32.01 4.12
C ASP A 384 4.95 -31.11 2.89
N VAL A 385 3.91 -31.22 2.06
CA VAL A 385 3.70 -30.36 0.84
C VAL A 385 3.51 -28.91 1.30
N ILE A 386 2.64 -28.68 2.28
CA ILE A 386 2.30 -27.31 2.79
C ILE A 386 3.58 -26.64 3.32
N GLU A 387 4.40 -27.39 4.06
CA GLU A 387 5.68 -26.90 4.65
C GLU A 387 6.64 -26.51 3.51
N LYS A 388 6.67 -27.29 2.43
CA LYS A 388 7.56 -27.06 1.26
C LYS A 388 7.10 -25.81 0.50
N LEU A 389 5.78 -25.69 0.25
CA LEU A 389 5.19 -24.51 -0.44
C LEU A 389 5.47 -23.24 0.38
N GLN A 390 5.35 -23.33 1.70
CA GLN A 390 5.64 -22.21 2.66
C GLN A 390 7.11 -21.79 2.54
N GLN A 391 8.03 -22.76 2.50
CA GLN A 391 9.50 -22.54 2.40
C GLN A 391 9.84 -21.83 1.08
N GLU A 392 9.24 -22.29 -0.02
CA GLU A 392 9.46 -21.73 -1.39
C GLU A 392 8.96 -20.29 -1.44
N ILE A 393 7.84 -19.99 -0.77
CA ILE A 393 7.23 -18.64 -0.76
C ILE A 393 8.07 -17.72 0.13
N ARG A 394 8.44 -18.16 1.34
CA ARG A 394 9.22 -17.36 2.32
C ARG A 394 10.59 -16.98 1.74
N SER A 395 11.28 -17.94 1.11
CA SER A 395 12.64 -17.77 0.53
C SER A 395 12.56 -17.04 -0.81
N ARG A 396 11.36 -16.80 -1.33
CA ARG A 396 11.11 -16.17 -2.66
C ARG A 396 11.94 -16.90 -3.73
N SER A 397 11.89 -18.24 -3.71
CA SER A 397 12.65 -19.14 -4.61
C SER A 397 12.17 -18.95 -6.05
N LEU A 398 13.09 -18.92 -7.01
CA LEU A 398 12.77 -18.87 -8.46
C LEU A 398 12.32 -20.27 -8.91
N GLN A 399 12.80 -21.31 -8.22
CA GLN A 399 12.60 -22.73 -8.63
C GLN A 399 11.40 -23.33 -7.90
N GLN A 400 10.79 -24.36 -8.52
CA GLN A 400 9.64 -25.09 -7.95
C GLN A 400 10.15 -26.36 -7.26
N LEU A 401 9.26 -27.10 -6.60
CA LEU A 401 9.59 -28.36 -5.86
C LEU A 401 10.07 -29.43 -6.86
N GLU A 402 10.86 -30.39 -6.38
CA GLU A 402 11.51 -31.45 -7.19
C GLU A 402 10.75 -32.77 -7.01
N GLY B 2 -6.07 17.01 27.18
CA GLY B 2 -5.58 17.35 25.83
C GLY B 2 -5.42 16.12 24.97
N ARG B 3 -6.19 16.01 23.89
CA ARG B 3 -6.14 14.87 22.93
C ARG B 3 -6.25 15.37 21.49
N ASP B 4 -5.68 16.52 21.19
CA ASP B 4 -5.67 17.09 19.81
C ASP B 4 -4.77 16.22 18.94
N HIS B 5 -5.33 15.67 17.85
CA HIS B 5 -4.60 14.81 16.89
C HIS B 5 -3.44 15.59 16.24
N ARG B 6 -3.58 16.90 16.08
CA ARG B 6 -2.50 17.78 15.53
C ARG B 6 -1.31 17.79 16.48
N LYS B 7 -1.58 17.87 17.78
CA LYS B 7 -0.52 17.92 18.84
C LYS B 7 0.16 16.56 18.91
N ILE B 8 -0.64 15.48 18.97
CA ILE B 8 -0.16 14.08 19.09
C ILE B 8 0.60 13.71 17.81
N GLY B 9 0.05 14.08 16.66
CA GLY B 9 0.69 13.90 15.34
C GLY B 9 2.08 14.51 15.29
N LYS B 10 2.25 15.72 15.84
CA LYS B 10 3.57 16.41 15.90
C LYS B 10 4.48 15.69 16.90
N GLN B 11 3.98 15.48 18.12
CA GLN B 11 4.76 14.95 19.28
C GLN B 11 5.29 13.53 18.96
N LEU B 12 4.46 12.69 18.35
CA LEU B 12 4.80 11.27 18.05
C LEU B 12 5.30 11.13 16.60
N ASP B 13 5.53 12.25 15.91
CA ASP B 13 6.14 12.31 14.55
CA ASP B 13 6.15 12.29 14.56
C ASP B 13 5.33 11.40 13.60
N LEU B 14 4.01 11.55 13.61
CA LEU B 14 3.09 10.73 12.78
C LEU B 14 2.93 11.37 11.40
N TYR B 15 2.70 12.68 11.39
CA TYR B 15 2.36 13.41 10.14
C TYR B 15 2.61 14.90 10.32
N HIS B 16 2.52 15.62 9.21
CA HIS B 16 2.52 17.10 9.21
C HIS B 16 1.75 17.60 7.99
N MET B 17 1.33 18.86 8.05
CA MET B 17 0.66 19.54 6.92
C MET B 17 1.24 20.94 6.79
N GLN B 18 1.28 21.48 5.57
CA GLN B 18 1.90 22.81 5.32
C GLN B 18 1.11 23.58 4.27
N GLU B 19 1.30 24.91 4.24
CA GLU B 19 0.53 25.86 3.40
C GLU B 19 0.76 25.58 1.91
N GLU B 20 1.94 25.05 1.54
CA GLU B 20 2.30 24.77 0.12
C GLU B 20 1.44 23.60 -0.41
N ALA B 21 0.72 22.90 0.47
CA ALA B 21 -0.15 21.75 0.13
C ALA B 21 -1.36 21.73 1.07
N PRO B 22 -2.32 22.67 0.91
CA PRO B 22 -3.46 22.78 1.81
C PRO B 22 -4.31 21.50 1.84
N GLY B 23 -4.61 21.00 3.04
CA GLY B 23 -5.48 19.83 3.27
C GLY B 23 -4.91 18.56 2.64
N MET B 24 -3.58 18.44 2.56
CA MET B 24 -2.93 17.21 2.05
C MET B 24 -1.81 16.80 3.01
N VAL B 25 -1.77 15.51 3.35
CA VAL B 25 -1.01 14.99 4.52
C VAL B 25 0.35 14.47 4.06
N PHE B 26 1.40 14.85 4.78
CA PHE B 26 2.74 14.22 4.76
C PHE B 26 2.78 13.19 5.89
N TRP B 27 2.72 11.90 5.57
CA TRP B 27 2.82 10.81 6.57
C TRP B 27 4.30 10.52 6.86
N HIS B 28 4.74 10.81 8.09
CA HIS B 28 6.10 10.48 8.59
C HIS B 28 6.14 8.97 8.86
N ASN B 29 7.33 8.43 9.14
CA ASN B 29 7.57 6.98 9.30
C ASN B 29 6.50 6.36 10.22
N ASP B 30 6.33 6.90 11.42
CA ASP B 30 5.50 6.26 12.49
C ASP B 30 4.00 6.38 12.15
N GLY B 31 3.60 7.49 11.51
CA GLY B 31 2.20 7.68 11.08
C GLY B 31 1.85 6.75 9.92
N TRP B 32 2.80 6.54 9.00
CA TRP B 32 2.61 5.67 7.81
C TRP B 32 2.51 4.21 8.26
N THR B 33 3.22 3.84 9.33
CA THR B 33 3.14 2.50 9.98
C THR B 33 1.70 2.26 10.44
N ILE B 34 1.08 3.24 11.11
CA ILE B 34 -0.34 3.17 11.56
C ILE B 34 -1.24 3.00 10.33
N PHE B 35 -1.06 3.86 9.33
CA PHE B 35 -1.85 3.88 8.07
C PHE B 35 -1.81 2.49 7.44
N ARG B 36 -0.63 1.89 7.31
CA ARG B 36 -0.43 0.58 6.64
C ARG B 36 -1.09 -0.53 7.47
N GLU B 37 -0.94 -0.50 8.80
CA GLU B 37 -1.61 -1.50 9.70
C GLU B 37 -3.13 -1.40 9.53
N LEU B 38 -3.68 -0.18 9.45
CA LEU B 38 -5.12 0.06 9.20
C LEU B 38 -5.50 -0.54 7.84
N GLU B 39 -4.67 -0.34 6.81
CA GLU B 39 -4.82 -0.95 5.47
C GLU B 39 -4.83 -2.48 5.59
N VAL B 40 -3.84 -3.06 6.29
CA VAL B 40 -3.71 -4.53 6.51
C VAL B 40 -5.01 -5.06 7.12
N PHE B 41 -5.55 -4.35 8.12
CA PHE B 41 -6.80 -4.72 8.82
C PHE B 41 -7.96 -4.77 7.81
N VAL B 42 -8.11 -3.73 6.99
CA VAL B 42 -9.24 -3.61 6.03
C VAL B 42 -9.16 -4.76 5.03
N ARG B 43 -7.95 -5.10 4.57
CA ARG B 43 -7.67 -6.19 3.59
C ARG B 43 -8.12 -7.54 4.18
N SER B 44 -7.88 -7.76 5.48
CA SER B 44 -8.28 -8.99 6.20
C SER B 44 -9.81 -9.13 6.17
N LYS B 45 -10.52 -8.01 6.24
CA LYS B 45 -12.01 -7.94 6.14
C LYS B 45 -12.43 -8.10 4.67
N LEU B 46 -11.72 -7.46 3.74
CA LEU B 46 -12.01 -7.56 2.28
C LEU B 46 -11.95 -9.02 1.84
N LYS B 47 -10.99 -9.78 2.38
CA LYS B 47 -10.83 -11.24 2.12
C LYS B 47 -12.04 -11.99 2.72
N GLU B 48 -12.34 -11.76 3.99
CA GLU B 48 -13.41 -12.46 4.77
C GLU B 48 -14.76 -12.27 4.06
N TYR B 49 -15.04 -11.06 3.56
CA TYR B 49 -16.32 -10.69 2.89
C TYR B 49 -16.19 -10.84 1.36
N GLN B 50 -15.13 -11.49 0.90
CA GLN B 50 -14.94 -11.95 -0.51
C GLN B 50 -15.00 -10.74 -1.45
N TYR B 51 -14.13 -9.77 -1.23
CA TYR B 51 -13.92 -8.58 -2.11
C TYR B 51 -12.69 -8.81 -2.97
N GLN B 52 -12.76 -8.42 -4.25
CA GLN B 52 -11.57 -8.19 -5.10
C GLN B 52 -10.96 -6.84 -4.69
N GLU B 53 -9.64 -6.70 -4.74
CA GLU B 53 -8.94 -5.39 -4.60
C GLU B 53 -8.30 -5.00 -5.93
N VAL B 54 -8.52 -3.75 -6.36
CA VAL B 54 -8.05 -3.20 -7.66
C VAL B 54 -7.35 -1.85 -7.40
N LYS B 55 -6.78 -1.27 -8.45
CA LYS B 55 -6.23 0.11 -8.45
C LYS B 55 -6.59 0.78 -9.78
N GLY B 56 -7.28 1.92 -9.72
CA GLY B 56 -7.69 2.72 -10.88
C GLY B 56 -6.73 3.89 -11.11
N PRO B 57 -6.79 4.56 -12.28
CA PRO B 57 -5.89 5.68 -12.57
C PRO B 57 -6.22 6.91 -11.73
N PHE B 58 -5.23 7.79 -11.58
CA PHE B 58 -5.29 9.02 -10.75
C PHE B 58 -6.23 10.04 -11.39
N MET B 59 -6.24 10.13 -12.74
CA MET B 59 -7.06 11.11 -13.49
C MET B 59 -7.73 10.42 -14.68
N MET B 60 -8.82 11.01 -15.19
CA MET B 60 -9.55 10.53 -16.39
C MET B 60 -10.17 11.73 -17.12
N ASP B 61 -10.40 11.57 -18.43
CA ASP B 61 -10.96 12.61 -19.34
C ASP B 61 -12.24 13.19 -18.71
N ARG B 62 -12.39 14.51 -18.76
CA ARG B 62 -13.62 15.24 -18.36
C ARG B 62 -14.83 14.66 -19.10
N VAL B 63 -14.63 14.17 -20.33
CA VAL B 63 -15.70 13.59 -21.20
C VAL B 63 -16.41 12.46 -20.45
N LEU B 64 -15.66 11.60 -19.77
CA LEU B 64 -16.23 10.45 -19.00
C LEU B 64 -17.00 10.97 -17.79
N TRP B 65 -16.45 11.96 -17.09
CA TRP B 65 -17.08 12.59 -15.89
C TRP B 65 -18.34 13.38 -16.28
N GLU B 66 -18.48 13.74 -17.56
CA GLU B 66 -19.71 14.39 -18.11
C GLU B 66 -20.82 13.35 -18.24
N LYS B 67 -20.49 12.11 -18.64
CA LYS B 67 -21.45 10.97 -18.77
C LYS B 67 -22.08 10.65 -17.41
N THR B 68 -21.30 10.76 -16.32
CA THR B 68 -21.73 10.44 -14.93
C THR B 68 -22.83 11.42 -14.49
N GLY B 69 -22.74 12.68 -14.93
CA GLY B 69 -23.65 13.77 -14.54
C GLY B 69 -23.07 14.62 -13.42
N HIS B 70 -21.87 14.27 -12.93
CA HIS B 70 -21.18 14.93 -11.79
C HIS B 70 -20.58 16.27 -12.24
N TRP B 71 -20.23 16.42 -13.51
CA TRP B 71 -19.55 17.63 -14.05
C TRP B 71 -20.48 18.83 -13.89
N ASP B 72 -21.70 18.73 -14.44
CA ASP B 72 -22.74 19.81 -14.36
C ASP B 72 -22.93 20.22 -12.89
N ASN B 73 -22.94 19.26 -11.97
CA ASN B 73 -23.31 19.46 -10.54
C ASN B 73 -22.10 19.94 -9.72
N TYR B 74 -20.93 19.29 -9.88
CA TYR B 74 -19.81 19.36 -8.91
C TYR B 74 -18.47 19.71 -9.59
N LYS B 75 -18.47 20.26 -10.82
CA LYS B 75 -17.21 20.61 -11.55
C LYS B 75 -16.34 21.53 -10.69
N ASP B 76 -16.96 22.46 -9.94
N ASP B 76 -16.97 22.45 -9.96
CA ASP B 76 -16.27 23.45 -9.07
CA ASP B 76 -16.31 23.44 -9.06
C ASP B 76 -15.59 22.75 -7.89
C ASP B 76 -15.58 22.73 -7.91
N ALA B 77 -16.03 21.53 -7.53
CA ALA B 77 -15.46 20.71 -6.43
C ALA B 77 -14.37 19.76 -6.96
N MET B 78 -14.08 19.77 -8.26
CA MET B 78 -13.05 18.89 -8.90
C MET B 78 -11.80 19.71 -9.27
N PHE B 79 -10.62 19.13 -9.05
CA PHE B 79 -9.34 19.54 -9.65
C PHE B 79 -9.28 19.05 -11.10
N THR B 80 -8.87 19.93 -12.02
CA THR B 80 -8.68 19.59 -13.47
C THR B 80 -7.26 19.95 -13.91
N THR B 81 -6.71 19.16 -14.83
CA THR B 81 -5.40 19.39 -15.50
C THR B 81 -5.57 19.16 -16.99
N SER B 82 -4.66 19.69 -17.81
CA SER B 82 -4.73 19.65 -19.29
C SER B 82 -3.49 18.95 -19.87
N SER B 83 -3.66 18.29 -21.02
CA SER B 83 -2.58 17.64 -21.81
C SER B 83 -3.08 17.40 -23.24
N GLU B 84 -2.34 17.91 -24.23
CA GLU B 84 -2.61 17.71 -25.69
C GLU B 84 -4.05 18.10 -26.01
N ASN B 85 -4.50 19.25 -25.51
CA ASN B 85 -5.83 19.86 -25.79
C ASN B 85 -6.96 18.95 -25.28
N ARG B 86 -6.69 18.16 -24.24
CA ARG B 86 -7.69 17.29 -23.56
C ARG B 86 -7.72 17.65 -22.07
N GLU B 87 -8.93 17.80 -21.50
CA GLU B 87 -9.13 18.17 -20.07
C GLU B 87 -9.30 16.89 -19.25
N TYR B 88 -8.54 16.77 -18.16
CA TYR B 88 -8.54 15.59 -17.24
C TYR B 88 -8.97 16.04 -15.84
N CYS B 89 -9.83 15.25 -15.19
CA CYS B 89 -10.28 15.44 -13.80
C CYS B 89 -9.46 14.54 -12.87
N ILE B 90 -8.79 15.13 -11.87
CA ILE B 90 -8.18 14.37 -10.73
C ILE B 90 -9.34 13.72 -9.98
N LYS B 91 -9.39 12.39 -9.91
CA LYS B 91 -10.60 11.64 -9.49
C LYS B 91 -11.02 12.13 -8.09
N PRO B 92 -12.28 12.63 -7.95
CA PRO B 92 -12.87 12.89 -6.65
C PRO B 92 -13.58 11.67 -6.03
N MET B 93 -13.72 10.60 -6.84
CA MET B 93 -14.46 9.36 -6.49
C MET B 93 -13.93 8.22 -7.36
N ASN B 94 -14.14 6.98 -6.93
CA ASN B 94 -13.52 5.76 -7.54
C ASN B 94 -14.55 4.97 -8.35
N CYS B 95 -15.83 5.36 -8.33
CA CYS B 95 -16.95 4.61 -8.95
C CYS B 95 -16.71 4.48 -10.45
N PRO B 96 -16.59 5.59 -11.22
CA PRO B 96 -16.43 5.51 -12.67
C PRO B 96 -15.29 4.57 -13.09
N GLY B 97 -14.14 4.65 -12.42
CA GLY B 97 -12.95 3.80 -12.66
C GLY B 97 -13.25 2.33 -12.45
N HIS B 98 -14.06 1.99 -11.44
CA HIS B 98 -14.49 0.60 -11.13
C HIS B 98 -15.38 0.06 -12.25
N VAL B 99 -16.22 0.92 -12.84
CA VAL B 99 -17.14 0.54 -13.95
C VAL B 99 -16.29 0.23 -15.19
N GLN B 100 -15.23 1.02 -15.44
CA GLN B 100 -14.30 0.81 -16.58
C GLN B 100 -13.68 -0.58 -16.48
N ILE B 101 -13.24 -0.99 -15.29
CA ILE B 101 -12.61 -2.33 -15.06
C ILE B 101 -13.67 -3.39 -15.28
N PHE B 102 -14.89 -3.18 -14.76
CA PHE B 102 -16.04 -4.09 -14.91
C PHE B 102 -16.34 -4.27 -16.40
N ASN B 103 -16.38 -3.17 -17.15
CA ASN B 103 -16.75 -3.15 -18.60
C ASN B 103 -15.75 -3.97 -19.40
N GLN B 104 -14.51 -4.15 -18.91
CA GLN B 104 -13.47 -4.99 -19.56
C GLN B 104 -13.75 -6.47 -19.28
N GLY B 105 -14.00 -7.25 -20.33
CA GLY B 105 -14.33 -8.69 -20.25
C GLY B 105 -15.83 -8.92 -20.20
N LEU B 106 -16.29 -10.01 -20.82
CA LEU B 106 -17.73 -10.40 -20.89
C LEU B 106 -18.18 -10.85 -19.49
N LYS B 107 -19.16 -10.14 -18.91
CA LYS B 107 -19.74 -10.43 -17.58
C LYS B 107 -21.11 -11.10 -17.75
N SER B 108 -21.32 -12.24 -17.09
CA SER B 108 -22.62 -12.96 -17.03
C SER B 108 -23.23 -12.80 -15.63
N TYR B 109 -24.46 -13.32 -15.46
CA TYR B 109 -25.21 -13.35 -14.17
C TYR B 109 -24.38 -14.09 -13.10
N ARG B 110 -23.60 -15.09 -13.52
CA ARG B 110 -22.76 -15.95 -12.63
C ARG B 110 -21.61 -15.15 -11.99
N ASP B 111 -21.15 -14.09 -12.66
CA ASP B 111 -20.03 -13.23 -12.18
C ASP B 111 -20.54 -12.27 -11.09
N LEU B 112 -21.85 -12.15 -10.93
CA LEU B 112 -22.49 -11.28 -9.90
C LEU B 112 -22.89 -12.12 -8.69
N PRO B 113 -22.88 -11.54 -7.45
CA PRO B 113 -22.43 -10.18 -7.22
C PRO B 113 -20.91 -10.04 -7.34
N LEU B 114 -20.43 -9.00 -8.02
CA LEU B 114 -18.98 -8.68 -8.16
C LEU B 114 -18.64 -7.57 -7.17
N ARG B 115 -17.76 -7.86 -6.20
CA ARG B 115 -17.38 -6.94 -5.09
C ARG B 115 -15.97 -6.41 -5.34
N MET B 116 -15.86 -5.11 -5.64
CA MET B 116 -14.62 -4.45 -6.12
C MET B 116 -14.21 -3.37 -5.12
N ALA B 117 -13.16 -3.64 -4.33
CA ALA B 117 -12.60 -2.74 -3.30
C ALA B 117 -11.35 -2.03 -3.83
N GLU B 118 -11.07 -0.82 -3.33
CA GLU B 118 -9.85 -0.04 -3.63
C GLU B 118 -9.60 0.95 -2.50
N PHE B 119 -8.34 1.09 -2.08
CA PHE B 119 -7.86 2.24 -1.28
C PHE B 119 -7.66 3.40 -2.25
N GLY B 120 -8.76 4.13 -2.50
CA GLY B 120 -8.89 5.09 -3.62
C GLY B 120 -8.39 6.48 -3.24
N SER B 121 -7.23 6.87 -3.78
CA SER B 121 -6.67 8.24 -3.67
C SER B 121 -7.62 9.21 -4.38
N CYS B 122 -8.31 10.05 -3.62
CA CYS B 122 -9.33 11.02 -4.13
C CYS B 122 -8.92 12.44 -3.74
N HIS B 123 -9.38 13.42 -4.52
CA HIS B 123 -9.14 14.87 -4.29
C HIS B 123 -10.43 15.66 -4.53
N ARG B 124 -10.75 16.59 -3.62
CA ARG B 124 -11.90 17.52 -3.73
C ARG B 124 -11.37 18.94 -3.56
N ASN B 125 -11.82 19.87 -4.42
CA ASN B 125 -11.40 21.29 -4.40
C ASN B 125 -12.22 22.03 -3.33
N GLU B 126 -11.98 21.69 -2.05
CA GLU B 126 -12.70 22.25 -0.88
C GLU B 126 -12.15 23.65 -0.59
N PRO B 127 -12.98 24.63 -0.17
CA PRO B 127 -12.47 25.95 0.21
C PRO B 127 -11.41 25.81 1.31
N SER B 128 -10.25 26.45 1.13
CA SER B 128 -9.06 26.32 2.02
C SER B 128 -9.38 26.83 3.43
N GLY B 129 -10.34 27.77 3.54
CA GLY B 129 -10.86 28.30 4.81
C GLY B 129 -11.53 27.23 5.68
N ALA B 130 -12.19 26.24 5.04
CA ALA B 130 -12.97 25.16 5.71
C ALA B 130 -12.09 23.94 6.04
N LEU B 131 -10.79 23.96 5.73
CA LEU B 131 -9.85 22.86 6.05
C LEU B 131 -9.44 22.94 7.51
N HIS B 132 -9.33 21.81 8.21
CA HIS B 132 -8.76 21.72 9.58
C HIS B 132 -8.29 20.29 9.88
N GLY B 133 -7.04 20.15 10.33
CA GLY B 133 -6.46 18.87 10.81
C GLY B 133 -6.52 17.78 9.76
N LEU B 134 -6.85 16.56 10.18
CA LEU B 134 -7.06 15.38 9.29
C LEU B 134 -8.56 15.19 9.05
N MET B 135 -9.41 16.04 9.65
CA MET B 135 -10.88 15.87 9.66
C MET B 135 -11.47 16.40 8.36
N ARG B 136 -11.09 17.61 7.95
CA ARG B 136 -11.50 18.17 6.64
C ARG B 136 -10.25 18.42 5.81
N VAL B 137 -10.04 17.60 4.78
CA VAL B 137 -8.81 17.61 3.94
C VAL B 137 -9.20 17.76 2.46
N ARG B 138 -8.20 17.91 1.58
CA ARG B 138 -8.39 17.97 0.10
C ARG B 138 -8.02 16.63 -0.52
N GLY B 139 -6.90 16.04 -0.09
CA GLY B 139 -6.44 14.69 -0.49
C GLY B 139 -6.78 13.67 0.57
N PHE B 140 -7.58 12.65 0.22
CA PHE B 140 -8.00 11.58 1.15
C PHE B 140 -7.95 10.22 0.46
N THR B 141 -7.90 9.16 1.27
CA THR B 141 -7.87 7.74 0.85
C THR B 141 -9.16 7.07 1.36
N GLN B 142 -10.04 6.68 0.43
CA GLN B 142 -11.35 6.06 0.76
C GLN B 142 -11.17 4.54 0.84
N ASP B 143 -11.67 3.91 1.92
CA ASP B 143 -11.83 2.44 2.02
C ASP B 143 -13.05 2.05 1.17
N ASP B 144 -12.97 2.35 -0.12
CA ASP B 144 -14.13 2.36 -1.05
C ASP B 144 -14.29 0.95 -1.63
N ALA B 145 -15.53 0.61 -1.98
CA ALA B 145 -15.86 -0.56 -2.81
C ALA B 145 -17.18 -0.31 -3.53
N HIS B 146 -17.37 -0.97 -4.67
CA HIS B 146 -18.64 -0.95 -5.43
C HIS B 146 -19.07 -2.40 -5.70
N ILE B 147 -20.33 -2.72 -5.38
CA ILE B 147 -20.92 -4.07 -5.59
C ILE B 147 -21.83 -4.00 -6.82
N PHE B 148 -21.51 -4.79 -7.84
CA PHE B 148 -22.32 -4.98 -9.08
C PHE B 148 -23.18 -6.24 -8.88
N CYS B 149 -24.50 -6.08 -8.77
CA CYS B 149 -25.44 -7.17 -8.43
C CYS B 149 -26.78 -7.00 -9.14
N THR B 150 -27.63 -8.02 -9.05
CA THR B 150 -29.03 -8.05 -9.57
C THR B 150 -29.95 -7.40 -8.53
N GLU B 151 -31.16 -7.02 -8.93
CA GLU B 151 -32.19 -6.48 -8.00
C GLU B 151 -32.47 -7.51 -6.90
N GLU B 152 -32.46 -8.80 -7.25
CA GLU B 152 -32.73 -9.95 -6.34
C GLU B 152 -31.68 -10.00 -5.22
N GLN B 153 -30.44 -9.58 -5.52
CA GLN B 153 -29.25 -9.78 -4.65
C GLN B 153 -29.03 -8.57 -3.72
N ILE B 154 -29.77 -7.47 -3.91
CA ILE B 154 -29.56 -6.19 -3.18
C ILE B 154 -29.65 -6.45 -1.66
N ARG B 155 -30.72 -7.11 -1.20
CA ARG B 155 -31.01 -7.35 0.24
C ARG B 155 -29.82 -8.03 0.93
N ASP B 156 -29.39 -9.19 0.40
CA ASP B 156 -28.29 -10.02 0.98
C ASP B 156 -26.98 -9.21 0.98
N GLU B 157 -26.74 -8.45 -0.10
CA GLU B 157 -25.48 -7.68 -0.28
C GLU B 157 -25.45 -6.51 0.71
N VAL B 158 -26.60 -5.86 0.93
CA VAL B 158 -26.72 -4.76 1.94
C VAL B 158 -26.52 -5.38 3.34
N ASN B 159 -27.00 -6.60 3.53
CA ASN B 159 -26.90 -7.36 4.80
C ASN B 159 -25.42 -7.50 5.19
N ALA B 160 -24.59 -8.03 4.29
CA ALA B 160 -23.14 -8.26 4.50
C ALA B 160 -22.43 -6.91 4.74
N CYS B 161 -22.80 -5.87 3.98
CA CYS B 161 -22.29 -4.47 4.15
C CYS B 161 -22.50 -4.02 5.59
N ILE B 162 -23.72 -4.21 6.12
CA ILE B 162 -24.09 -3.83 7.51
C ILE B 162 -23.23 -4.62 8.50
N ARG B 163 -23.10 -5.94 8.32
CA ARG B 163 -22.31 -6.82 9.22
C ARG B 163 -20.85 -6.35 9.24
N MET B 164 -20.30 -6.03 8.07
CA MET B 164 -18.89 -5.59 7.91
C MET B 164 -18.67 -4.27 8.65
N VAL B 165 -19.63 -3.33 8.54
CA VAL B 165 -19.60 -1.99 9.20
C VAL B 165 -19.43 -2.18 10.73
N TYR B 166 -20.33 -2.94 11.36
CA TYR B 166 -20.36 -3.14 12.83
C TYR B 166 -19.14 -3.97 13.26
N ASP B 167 -18.77 -4.96 12.44
CA ASP B 167 -17.55 -5.80 12.62
C ASP B 167 -16.34 -4.86 12.78
N MET B 168 -16.17 -3.91 11.85
CA MET B 168 -14.99 -3.01 11.80
C MET B 168 -15.05 -1.96 12.91
N TYR B 169 -16.20 -1.31 13.13
CA TYR B 169 -16.35 -0.24 14.17
C TYR B 169 -16.09 -0.82 15.56
N SER B 170 -16.50 -2.08 15.81
CA SER B 170 -16.34 -2.80 17.10
C SER B 170 -14.86 -3.06 17.40
N THR B 171 -14.04 -3.33 16.37
CA THR B 171 -12.58 -3.57 16.50
C THR B 171 -11.94 -2.40 17.26
N PHE B 172 -12.41 -1.18 17.05
CA PHE B 172 -11.81 0.07 17.60
C PHE B 172 -12.55 0.51 18.87
N GLY B 173 -13.59 -0.22 19.27
CA GLY B 173 -14.35 0.01 20.52
C GLY B 173 -15.53 0.96 20.34
N PHE B 174 -15.95 1.21 19.10
CA PHE B 174 -17.08 2.12 18.75
C PHE B 174 -18.38 1.30 18.68
N GLU B 175 -19.21 1.41 19.74
CA GLU B 175 -20.48 0.66 19.89
C GLU B 175 -21.69 1.59 19.69
N LYS B 176 -21.55 2.89 19.97
CA LYS B 176 -22.62 3.90 19.77
C LYS B 176 -22.62 4.34 18.30
N ILE B 177 -23.46 3.69 17.49
CA ILE B 177 -23.66 3.96 16.03
C ILE B 177 -25.10 4.45 15.82
N VAL B 178 -25.25 5.62 15.20
CA VAL B 178 -26.58 6.17 14.75
C VAL B 178 -26.70 5.92 13.24
N VAL B 179 -27.90 5.49 12.81
CA VAL B 179 -28.15 5.01 11.43
C VAL B 179 -29.35 5.77 10.84
N LYS B 180 -29.21 6.20 9.59
CA LYS B 180 -30.22 7.03 8.89
C LYS B 180 -30.43 6.47 7.48
N LEU B 181 -31.70 6.26 7.09
CA LEU B 181 -32.13 5.82 5.74
C LEU B 181 -32.84 7.01 5.07
N SER B 182 -32.30 7.49 3.95
CA SER B 182 -32.79 8.67 3.19
C SER B 182 -33.59 8.22 1.96
N THR B 183 -34.88 8.57 1.92
CA THR B 183 -35.89 8.04 0.96
C THR B 183 -36.12 9.02 -0.21
N ARG B 184 -36.94 8.57 -1.18
CA ARG B 184 -37.29 9.26 -2.45
C ARG B 184 -37.19 10.79 -2.37
N PRO B 185 -36.37 11.44 -3.23
CA PRO B 185 -36.50 12.87 -3.48
C PRO B 185 -37.61 13.15 -4.51
N ASP B 186 -38.02 14.42 -4.63
CA ASP B 186 -39.04 14.88 -5.61
C ASP B 186 -38.59 14.51 -7.03
N LYS B 187 -37.38 14.95 -7.41
CA LYS B 187 -36.75 14.63 -8.72
C LYS B 187 -35.93 13.35 -8.55
N ARG B 188 -36.26 12.30 -9.32
CA ARG B 188 -35.62 10.96 -9.20
C ARG B 188 -35.76 10.20 -10.52
N ILE B 189 -34.95 9.15 -10.71
CA ILE B 189 -35.08 8.22 -11.88
C ILE B 189 -35.89 7.00 -11.44
N GLY B 190 -36.32 6.18 -12.40
CA GLY B 190 -36.97 4.88 -12.13
C GLY B 190 -38.42 5.03 -11.71
N SER B 191 -39.11 3.90 -11.54
CA SER B 191 -40.53 3.85 -11.11
C SER B 191 -40.62 3.96 -9.58
N ASP B 192 -41.81 4.29 -9.07
CA ASP B 192 -42.12 4.33 -7.61
C ASP B 192 -42.04 2.91 -7.04
N GLU B 193 -42.35 1.90 -7.86
CA GLU B 193 -42.28 0.46 -7.51
C GLU B 193 -40.80 0.05 -7.30
N MET B 194 -39.90 0.55 -8.16
CA MET B 194 -38.43 0.34 -8.04
C MET B 194 -37.95 0.91 -6.70
N TRP B 195 -38.31 2.16 -6.41
CA TRP B 195 -37.97 2.88 -5.15
C TRP B 195 -38.60 2.18 -3.94
N ASP B 196 -39.84 1.70 -4.08
CA ASP B 196 -40.54 0.90 -3.03
C ASP B 196 -39.66 -0.31 -2.64
N ARG B 197 -39.15 -1.03 -3.63
CA ARG B 197 -38.31 -2.25 -3.43
C ARG B 197 -36.94 -1.84 -2.87
N ALA B 198 -36.31 -0.81 -3.46
CA ALA B 198 -34.99 -0.28 -3.08
C ALA B 198 -34.99 0.20 -1.62
N GLU B 199 -36.01 0.97 -1.22
CA GLU B 199 -36.17 1.53 0.15
C GLU B 199 -36.50 0.38 1.13
N ALA B 200 -37.27 -0.60 0.67
CA ALA B 200 -37.62 -1.82 1.45
C ALA B 200 -36.35 -2.64 1.69
N ASP B 201 -35.53 -2.84 0.65
CA ASP B 201 -34.26 -3.61 0.70
C ASP B 201 -33.37 -3.08 1.84
N LEU B 202 -33.18 -1.75 1.89
CA LEU B 202 -32.35 -1.08 2.94
C LEU B 202 -33.04 -1.20 4.30
N ALA B 203 -34.36 -0.96 4.34
CA ALA B 203 -35.18 -0.94 5.58
C ALA B 203 -35.26 -2.35 6.18
N VAL B 204 -35.55 -3.36 5.35
CA VAL B 204 -35.69 -4.78 5.80
C VAL B 204 -34.32 -5.29 6.28
N ALA B 205 -33.25 -4.94 5.57
CA ALA B 205 -31.85 -5.30 5.95
C ALA B 205 -31.56 -4.81 7.37
N LEU B 206 -31.93 -3.56 7.69
CA LEU B 206 -31.69 -2.94 9.03
C LEU B 206 -32.60 -3.58 10.08
N GLU B 207 -33.86 -3.84 9.74
CA GLU B 207 -34.88 -4.43 10.67
C GLU B 207 -34.45 -5.85 11.04
N GLU B 208 -34.10 -6.67 10.05
CA GLU B 208 -33.64 -8.08 10.25
C GLU B 208 -32.40 -8.10 11.15
N ASN B 209 -31.52 -7.10 11.03
CA ASN B 209 -30.29 -6.96 11.84
C ASN B 209 -30.61 -6.24 13.17
N ASN B 210 -31.87 -5.86 13.36
CA ASN B 210 -32.35 -5.20 14.61
C ASN B 210 -31.57 -3.91 14.82
N ILE B 211 -31.30 -3.18 13.74
CA ILE B 211 -30.59 -1.86 13.77
C ILE B 211 -31.63 -0.76 13.87
N PRO B 212 -31.76 -0.06 15.02
CA PRO B 212 -32.62 1.12 15.10
C PRO B 212 -32.11 2.16 14.09
N PHE B 213 -33.02 2.72 13.29
CA PHE B 213 -32.71 3.77 12.30
C PHE B 213 -33.86 4.78 12.23
N GLU B 214 -33.54 6.02 11.89
CA GLU B 214 -34.52 7.10 11.64
C GLU B 214 -34.56 7.40 10.14
N TYR B 215 -35.76 7.37 9.54
CA TYR B 215 -36.01 7.77 8.14
C TYR B 215 -35.67 9.27 7.97
N GLN B 216 -34.94 9.61 6.90
CA GLN B 216 -34.70 11.01 6.46
C GLN B 216 -35.52 11.25 5.19
N LEU B 217 -36.82 11.49 5.38
CA LEU B 217 -37.85 11.49 4.30
C LEU B 217 -37.57 12.62 3.31
N GLY B 218 -37.39 12.28 2.04
CA GLY B 218 -37.22 13.24 0.93
C GLY B 218 -35.77 13.63 0.69
N GLU B 219 -34.84 13.16 1.54
CA GLU B 219 -33.42 13.61 1.55
C GLU B 219 -32.55 12.62 0.76
N GLY B 220 -33.14 11.55 0.21
CA GLY B 220 -32.44 10.54 -0.60
C GLY B 220 -31.90 11.13 -1.89
N ALA B 221 -30.90 10.49 -2.50
CA ALA B 221 -30.27 10.90 -3.77
C ALA B 221 -31.23 10.58 -4.92
N PHE B 222 -31.13 11.31 -6.03
CA PHE B 222 -31.98 11.12 -7.24
C PHE B 222 -31.73 9.74 -7.85
N TYR B 223 -30.51 9.18 -7.70
CA TYR B 223 -30.08 7.92 -8.34
C TYR B 223 -30.38 6.70 -7.45
N GLY B 224 -30.85 6.91 -6.21
CA GLY B 224 -31.30 5.81 -5.33
C GLY B 224 -31.18 6.15 -3.84
N PRO B 225 -31.75 5.30 -2.95
CA PRO B 225 -31.73 5.57 -1.51
C PRO B 225 -30.41 5.15 -0.87
N LYS B 226 -30.21 5.44 0.42
CA LYS B 226 -28.92 5.20 1.12
C LYS B 226 -29.12 4.96 2.62
N ILE B 227 -28.17 4.25 3.23
CA ILE B 227 -27.97 4.16 4.71
C ILE B 227 -26.67 4.90 5.05
N GLU B 228 -26.70 5.76 6.07
CA GLU B 228 -25.49 6.46 6.60
C GLU B 228 -25.27 6.06 8.06
N PHE B 229 -24.02 5.75 8.41
CA PHE B 229 -23.60 5.30 9.76
C PHE B 229 -22.75 6.39 10.42
N THR B 230 -23.21 6.89 11.56
CA THR B 230 -22.51 7.88 12.41
C THR B 230 -22.04 7.18 13.69
N LEU B 231 -20.73 7.16 13.96
CA LEU B 231 -20.16 6.62 15.23
C LEU B 231 -19.83 7.78 16.16
N TYR B 232 -19.81 7.52 17.47
CA TYR B 232 -19.52 8.50 18.54
C TYR B 232 -18.24 8.07 19.26
N ASP B 233 -17.33 9.04 19.49
CA ASP B 233 -16.06 8.84 20.23
C ASP B 233 -16.34 9.00 21.73
N CYS B 234 -15.30 8.91 22.57
CA CYS B 234 -15.40 8.96 24.06
C CYS B 234 -15.80 10.36 24.54
N LEU B 235 -15.68 11.40 23.70
CA LEU B 235 -16.12 12.79 24.01
C LEU B 235 -17.57 13.00 23.54
N ASP B 236 -18.20 11.95 22.99
CA ASP B 236 -19.62 11.92 22.54
C ASP B 236 -19.78 12.80 21.29
N ARG B 237 -18.71 12.93 20.48
CA ARG B 237 -18.73 13.67 19.19
C ARG B 237 -19.13 12.71 18.07
N ALA B 238 -20.02 13.17 17.18
CA ALA B 238 -20.59 12.39 16.06
C ALA B 238 -19.64 12.46 14.86
N TRP B 239 -19.40 11.32 14.21
CA TRP B 239 -18.57 11.19 12.99
C TRP B 239 -19.30 10.32 11.96
N GLN B 240 -19.83 10.95 10.90
CA GLN B 240 -20.54 10.25 9.80
C GLN B 240 -19.48 9.63 8.87
N CYS B 241 -19.14 8.36 9.09
CA CYS B 241 -18.01 7.65 8.45
C CYS B 241 -18.49 6.69 7.35
N GLY B 242 -19.50 5.88 7.68
CA GLY B 242 -19.95 4.75 6.85
C GLY B 242 -21.11 5.14 5.95
N THR B 243 -21.15 4.60 4.74
CA THR B 243 -22.23 4.85 3.73
C THR B 243 -22.52 3.54 2.98
N VAL B 244 -23.80 3.28 2.69
CA VAL B 244 -24.28 2.25 1.72
C VAL B 244 -25.31 2.93 0.81
N GLN B 245 -24.93 3.23 -0.44
CA GLN B 245 -25.74 4.04 -1.39
C GLN B 245 -26.08 3.18 -2.62
N LEU B 246 -27.37 2.94 -2.85
CA LEU B 246 -27.90 2.27 -4.07
C LEU B 246 -27.91 3.27 -5.23
N ASP B 247 -27.61 2.78 -6.44
CA ASP B 247 -27.42 3.62 -7.66
C ASP B 247 -27.97 2.85 -8.87
N PHE B 248 -29.10 3.29 -9.41
CA PHE B 248 -29.77 2.71 -10.61
C PHE B 248 -29.58 3.63 -11.81
N SER B 249 -28.46 4.36 -11.85
CA SER B 249 -28.19 5.46 -12.83
C SER B 249 -26.82 5.27 -13.48
N LEU B 250 -25.73 5.32 -12.69
CA LEU B 250 -24.33 5.32 -13.18
C LEU B 250 -24.02 4.10 -14.04
N PRO B 251 -24.45 2.87 -13.65
CA PRO B 251 -24.17 1.68 -14.47
C PRO B 251 -24.68 1.85 -15.92
N SER B 252 -25.90 2.34 -16.08
CA SER B 252 -26.54 2.61 -17.39
C SER B 252 -25.74 3.71 -18.13
N ARG B 253 -25.52 4.85 -17.48
CA ARG B 253 -24.84 6.05 -18.04
C ARG B 253 -23.44 5.70 -18.57
N LEU B 254 -22.75 4.74 -17.94
CA LEU B 254 -21.37 4.31 -18.30
C LEU B 254 -21.39 2.94 -19.00
N SER B 255 -22.53 2.58 -19.62
CA SER B 255 -22.68 1.38 -20.48
C SER B 255 -22.20 0.12 -19.75
N ALA B 256 -22.68 -0.09 -18.53
CA ALA B 256 -22.47 -1.33 -17.73
C ALA B 256 -23.63 -2.30 -18.00
N SER B 257 -23.31 -3.52 -18.42
CA SER B 257 -24.29 -4.59 -18.74
C SER B 257 -23.69 -5.97 -18.46
N TYR B 258 -24.55 -6.95 -18.19
CA TYR B 258 -24.20 -8.39 -17.99
C TYR B 258 -25.24 -9.27 -18.70
N VAL B 259 -24.80 -10.46 -19.13
CA VAL B 259 -25.66 -11.49 -19.79
C VAL B 259 -26.45 -12.23 -18.70
N GLY B 260 -27.78 -12.06 -18.68
CA GLY B 260 -28.68 -12.68 -17.68
C GLY B 260 -28.88 -14.17 -17.94
N GLU B 261 -29.68 -14.82 -17.10
CA GLU B 261 -30.06 -16.26 -17.22
C GLU B 261 -30.83 -16.49 -18.54
N ASP B 262 -31.48 -15.44 -19.05
CA ASP B 262 -32.29 -15.45 -20.30
C ASP B 262 -31.38 -15.25 -21.52
N ASN B 263 -30.06 -15.15 -21.33
CA ASN B 263 -29.05 -14.96 -22.39
C ASN B 263 -29.27 -13.59 -23.07
N GLU B 264 -29.87 -12.64 -22.35
CA GLU B 264 -30.15 -11.25 -22.81
C GLU B 264 -29.46 -10.27 -21.86
N ARG B 265 -29.04 -9.11 -22.38
CA ARG B 265 -28.23 -8.10 -21.65
C ARG B 265 -29.11 -7.35 -20.65
N LYS B 266 -28.59 -7.11 -19.44
CA LYS B 266 -29.29 -6.38 -18.34
C LYS B 266 -28.29 -5.46 -17.64
N VAL B 267 -28.73 -4.25 -17.26
CA VAL B 267 -27.93 -3.25 -16.49
C VAL B 267 -27.81 -3.73 -15.04
N PRO B 268 -26.58 -3.81 -14.48
CA PRO B 268 -26.40 -4.22 -13.08
C PRO B 268 -26.73 -3.09 -12.11
N VAL B 269 -27.21 -3.43 -10.92
CA VAL B 269 -27.41 -2.47 -9.80
C VAL B 269 -26.04 -2.24 -9.16
N MET B 270 -25.71 -0.99 -8.83
CA MET B 270 -24.45 -0.60 -8.16
C MET B 270 -24.76 -0.23 -6.70
N ILE B 271 -23.94 -0.72 -5.77
CA ILE B 271 -23.93 -0.30 -4.34
C ILE B 271 -22.58 0.37 -4.03
N HIS B 272 -22.58 1.69 -3.82
CA HIS B 272 -21.43 2.45 -3.26
C HIS B 272 -21.36 2.17 -1.76
N ARG B 273 -20.19 1.76 -1.27
CA ARG B 273 -20.01 1.38 0.16
C ARG B 273 -18.61 1.76 0.64
N ALA B 274 -18.55 2.66 1.63
CA ALA B 274 -17.36 2.96 2.45
C ALA B 274 -17.75 2.82 3.93
N ILE B 275 -16.81 2.40 4.77
CA ILE B 275 -17.03 2.09 6.21
C ILE B 275 -16.24 3.11 7.06
N LEU B 276 -14.93 3.19 6.87
CA LEU B 276 -14.05 4.18 7.55
C LEU B 276 -14.31 5.56 6.95
N GLY B 277 -14.60 5.63 5.64
CA GLY B 277 -14.83 6.88 4.91
C GLY B 277 -13.53 7.46 4.38
N SER B 278 -12.82 8.23 5.21
CA SER B 278 -11.46 8.75 4.95
C SER B 278 -10.48 8.08 5.93
N MET B 279 -9.52 7.32 5.40
CA MET B 279 -8.46 6.64 6.20
C MET B 279 -7.76 7.69 7.08
N GLU B 280 -7.60 8.91 6.55
CA GLU B 280 -6.88 10.02 7.24
C GLU B 280 -7.73 10.55 8.42
N ARG B 281 -9.02 10.82 8.18
CA ARG B 281 -9.96 11.27 9.24
C ARG B 281 -10.05 10.19 10.32
N PHE B 282 -10.16 8.93 9.91
CA PHE B 282 -10.31 7.80 10.86
C PHE B 282 -9.09 7.74 11.78
N ILE B 283 -7.88 7.87 11.22
CA ILE B 283 -6.62 7.89 12.02
C ILE B 283 -6.68 9.10 12.97
N GLY B 284 -7.17 10.25 12.49
CA GLY B 284 -7.38 11.44 13.33
C GLY B 284 -8.32 11.15 14.50
N ILE B 285 -9.47 10.54 14.22
CA ILE B 285 -10.48 10.16 15.26
C ILE B 285 -9.82 9.18 16.24
N LEU B 286 -9.15 8.15 15.73
CA LEU B 286 -8.47 7.12 16.56
C LEU B 286 -7.42 7.79 17.45
N THR B 287 -6.63 8.70 16.88
CA THR B 287 -5.55 9.44 17.60
C THR B 287 -6.18 10.11 18.82
N GLU B 288 -7.32 10.79 18.64
CA GLU B 288 -8.03 11.52 19.72
C GLU B 288 -8.70 10.51 20.66
N GLU B 289 -9.40 9.50 20.12
CA GLU B 289 -10.08 8.44 20.91
C GLU B 289 -9.10 7.86 21.94
N PHE B 290 -7.89 7.51 21.50
CA PHE B 290 -6.86 6.83 22.34
C PHE B 290 -5.89 7.83 22.95
N ALA B 291 -5.93 9.09 22.52
CA ALA B 291 -5.02 10.18 22.96
C ALA B 291 -3.56 9.76 22.75
N GLY B 292 -3.27 9.05 21.66
CA GLY B 292 -1.89 8.62 21.31
C GLY B 292 -1.53 7.24 21.85
N PHE B 293 -2.28 6.74 22.83
CA PHE B 293 -2.11 5.37 23.40
C PHE B 293 -2.76 4.35 22.45
N PHE B 294 -2.18 4.16 21.27
CA PHE B 294 -2.71 3.25 20.22
C PHE B 294 -2.70 1.82 20.74
N PRO B 295 -3.76 1.02 20.49
CA PRO B 295 -3.73 -0.41 20.79
C PRO B 295 -2.46 -1.03 20.20
N THR B 296 -1.94 -2.08 20.84
CA THR B 296 -0.62 -2.67 20.52
C THR B 296 -0.50 -2.88 19.02
N TRP B 297 -1.55 -3.41 18.37
CA TRP B 297 -1.50 -3.80 16.93
C TRP B 297 -1.30 -2.56 16.03
N LEU B 298 -1.71 -1.37 16.51
CA LEU B 298 -1.59 -0.10 15.76
C LEU B 298 -0.32 0.68 16.14
N ALA B 299 0.27 0.39 17.31
CA ALA B 299 1.40 1.17 17.88
C ALA B 299 2.58 1.18 16.91
N PRO B 300 3.10 2.37 16.51
CA PRO B 300 4.28 2.44 15.64
C PRO B 300 5.43 1.56 16.13
N VAL B 301 5.80 1.70 17.41
CA VAL B 301 6.80 0.84 18.11
C VAL B 301 6.07 0.12 19.24
N GLN B 302 6.03 -1.21 19.18
CA GLN B 302 5.21 -2.07 20.07
C GLN B 302 5.97 -2.38 21.37
N VAL B 303 7.29 -2.57 21.27
CA VAL B 303 8.14 -3.05 22.40
C VAL B 303 9.48 -2.31 22.35
N VAL B 304 9.97 -1.86 23.52
CA VAL B 304 11.39 -1.48 23.73
C VAL B 304 11.96 -2.45 24.76
N VAL B 305 13.10 -3.06 24.41
CA VAL B 305 13.91 -3.93 25.32
C VAL B 305 15.12 -3.09 25.74
N MET B 306 15.46 -3.08 27.03
CA MET B 306 16.56 -2.24 27.56
C MET B 306 17.30 -2.98 28.68
N ASN B 307 18.56 -2.56 28.90
CA ASN B 307 19.49 -3.13 29.89
C ASN B 307 19.59 -2.19 31.08
N ILE B 308 20.05 -2.70 32.23
CA ILE B 308 20.43 -1.89 33.42
C ILE B 308 21.88 -1.42 33.23
N THR B 309 22.81 -2.36 33.03
CA THR B 309 24.25 -2.11 32.75
C THR B 309 24.64 -2.74 31.41
N ASP B 310 25.91 -2.58 31.02
CA ASP B 310 26.48 -3.12 29.74
C ASP B 310 26.46 -4.66 29.77
N SER B 311 26.43 -5.26 30.97
CA SER B 311 26.47 -6.74 31.19
C SER B 311 25.32 -7.46 30.47
N GLN B 312 24.14 -6.83 30.35
CA GLN B 312 22.91 -7.46 29.79
C GLN B 312 22.74 -7.11 28.31
N SER B 313 23.71 -6.41 27.70
CA SER B 313 23.64 -5.88 26.30
C SER B 313 23.37 -7.00 25.30
N GLU B 314 24.04 -8.15 25.46
CA GLU B 314 23.98 -9.28 24.48
C GLU B 314 22.61 -9.98 24.60
N TYR B 315 22.11 -10.14 25.82
CA TYR B 315 20.78 -10.74 26.12
C TYR B 315 19.67 -9.88 25.52
N VAL B 316 19.84 -8.54 25.54
CA VAL B 316 18.85 -7.56 25.00
C VAL B 316 18.79 -7.69 23.48
N ASN B 317 19.95 -7.68 22.81
CA ASN B 317 20.08 -7.78 21.33
C ASN B 317 19.48 -9.12 20.86
N GLU B 318 19.62 -10.18 21.66
CA GLU B 318 19.11 -11.54 21.36
C GLU B 318 17.58 -11.57 21.51
N LEU B 319 17.05 -10.91 22.54
CA LEU B 319 15.58 -10.83 22.81
C LEU B 319 14.92 -9.97 21.73
N THR B 320 15.55 -8.83 21.38
CA THR B 320 15.14 -7.94 20.28
C THR B 320 14.95 -8.77 19.00
N GLN B 321 15.95 -9.58 18.65
CA GLN B 321 15.93 -10.41 17.40
C GLN B 321 14.79 -11.43 17.48
N LYS B 322 14.61 -12.09 18.63
CA LYS B 322 13.52 -13.08 18.87
C LYS B 322 12.15 -12.41 18.65
N LEU B 323 11.93 -11.25 19.27
CA LEU B 323 10.67 -10.46 19.15
C LEU B 323 10.48 -10.05 17.68
N GLN B 324 11.55 -9.62 17.02
CA GLN B 324 11.51 -9.25 15.57
C GLN B 324 11.06 -10.46 14.75
N ASN B 325 11.67 -11.63 14.98
CA ASN B 325 11.33 -12.88 14.25
C ASN B 325 9.87 -13.27 14.52
N ALA B 326 9.33 -12.90 15.69
CA ALA B 326 7.93 -13.17 16.10
C ALA B 326 6.96 -12.22 15.37
N GLY B 327 7.48 -11.18 14.69
CA GLY B 327 6.69 -10.24 13.86
C GLY B 327 6.27 -9.00 14.64
N ILE B 328 7.09 -8.58 15.61
CA ILE B 328 6.79 -7.44 16.53
C ILE B 328 7.70 -6.26 16.17
N ARG B 329 7.14 -5.06 16.08
CA ARG B 329 7.90 -3.80 15.84
C ARG B 329 8.61 -3.42 17.14
N VAL B 330 9.90 -3.76 17.25
CA VAL B 330 10.70 -3.70 18.50
C VAL B 330 11.97 -2.89 18.24
N LYS B 331 12.43 -2.12 19.23
CA LYS B 331 13.72 -1.40 19.19
C LYS B 331 14.49 -1.73 20.48
N ALA B 332 15.82 -1.69 20.40
CA ALA B 332 16.76 -1.90 21.53
C ALA B 332 17.18 -0.54 22.09
N ASP B 333 17.32 -0.44 23.41
CA ASP B 333 17.82 0.77 24.12
C ASP B 333 18.95 0.35 25.07
N LEU B 334 20.18 0.38 24.58
CA LEU B 334 21.42 0.01 25.33
C LEU B 334 22.15 1.28 25.80
N ARG B 335 21.56 2.46 25.59
CA ARG B 335 22.15 3.77 25.98
C ARG B 335 22.61 3.72 27.44
N ASN B 336 23.68 4.46 27.76
CA ASN B 336 24.18 4.65 29.15
C ASN B 336 23.33 5.75 29.82
N GLU B 337 22.09 5.40 30.18
CA GLU B 337 21.12 6.29 30.86
C GLU B 337 20.44 5.50 31.98
N LYS B 338 19.97 6.20 33.03
CA LYS B 338 19.23 5.58 34.15
C LYS B 338 17.96 4.92 33.61
N ILE B 339 17.53 3.81 34.21
CA ILE B 339 16.34 3.03 33.78
C ILE B 339 15.09 3.92 33.82
N GLY B 340 15.01 4.82 34.83
CA GLY B 340 13.90 5.77 35.01
C GLY B 340 13.83 6.81 33.90
N PHE B 341 14.97 7.20 33.34
CA PHE B 341 15.09 8.11 32.17
C PHE B 341 14.55 7.40 30.92
N LYS B 342 15.07 6.21 30.64
CA LYS B 342 14.70 5.39 29.45
C LYS B 342 13.18 5.14 29.45
N ILE B 343 12.67 4.59 30.56
CA ILE B 343 11.24 4.22 30.71
C ILE B 343 10.35 5.45 30.45
N ARG B 344 10.78 6.64 30.90
CA ARG B 344 9.99 7.89 30.72
C ARG B 344 9.91 8.25 29.22
N GLU B 345 11.03 8.14 28.50
N GLU B 345 11.02 8.13 28.49
CA GLU B 345 11.09 8.43 27.04
CA GLU B 345 11.09 8.45 27.04
C GLU B 345 10.10 7.53 26.28
C GLU B 345 10.12 7.53 26.26
N HIS B 346 10.11 6.23 26.57
CA HIS B 346 9.28 5.23 25.84
C HIS B 346 7.81 5.36 26.29
N THR B 347 7.55 5.77 27.53
CA THR B 347 6.19 6.05 28.04
C THR B 347 5.65 7.31 27.35
N LEU B 348 6.47 8.35 27.22
CA LEU B 348 6.10 9.61 26.50
C LEU B 348 5.76 9.29 25.04
N ARG B 349 6.45 8.32 24.42
CA ARG B 349 6.26 7.91 22.99
C ARG B 349 5.12 6.90 22.88
N ARG B 350 4.47 6.53 23.99
CA ARG B 350 3.26 5.65 24.04
C ARG B 350 3.62 4.22 23.56
N VAL B 351 4.83 3.75 23.86
CA VAL B 351 5.24 2.34 23.60
C VAL B 351 4.46 1.43 24.54
N PRO B 352 3.58 0.53 24.03
CA PRO B 352 2.80 -0.36 24.90
C PRO B 352 3.59 -1.10 25.98
N TYR B 353 4.72 -1.70 25.61
CA TYR B 353 5.49 -2.64 26.46
C TYR B 353 6.95 -2.23 26.53
N MET B 354 7.46 -2.12 27.76
CA MET B 354 8.90 -1.88 28.05
C MET B 354 9.47 -3.10 28.78
N LEU B 355 10.39 -3.81 28.13
CA LEU B 355 10.98 -5.08 28.61
C LEU B 355 12.38 -4.77 29.17
N VAL B 356 12.57 -4.97 30.47
CA VAL B 356 13.83 -4.60 31.19
C VAL B 356 14.59 -5.88 31.53
N CYS B 357 15.89 -5.91 31.21
CA CYS B 357 16.80 -7.06 31.43
C CYS B 357 17.88 -6.66 32.44
N GLY B 358 17.70 -7.11 33.69
CA GLY B 358 18.74 -7.10 34.74
C GLY B 358 19.43 -8.46 34.80
N ASP B 359 20.39 -8.63 35.71
CA ASP B 359 21.19 -9.87 35.86
C ASP B 359 20.24 -11.05 36.11
N LYS B 360 19.31 -10.88 37.06
CA LYS B 360 18.32 -11.91 37.48
C LYS B 360 17.49 -12.39 36.28
N GLU B 361 17.17 -11.48 35.34
CA GLU B 361 16.39 -11.80 34.11
C GLU B 361 17.25 -12.66 33.18
N VAL B 362 18.52 -12.28 32.98
CA VAL B 362 19.50 -12.99 32.09
C VAL B 362 19.68 -14.42 32.61
N GLU B 363 20.00 -14.56 33.90
CA GLU B 363 20.27 -15.85 34.59
C GLU B 363 19.10 -16.83 34.37
N ALA B 364 17.87 -16.37 34.61
CA ALA B 364 16.64 -17.21 34.66
C ALA B 364 15.98 -17.32 33.30
N GLY B 365 16.52 -16.66 32.27
CA GLY B 365 15.92 -16.61 30.92
C GLY B 365 14.57 -15.92 30.91
N LYS B 366 14.46 -14.84 31.71
CA LYS B 366 13.19 -14.08 31.94
C LYS B 366 13.37 -12.65 31.44
N VAL B 367 12.31 -11.84 31.58
CA VAL B 367 12.32 -10.39 31.24
C VAL B 367 11.27 -9.69 32.10
N ALA B 368 11.61 -8.52 32.66
CA ALA B 368 10.71 -7.68 33.48
C ALA B 368 9.85 -6.83 32.54
N VAL B 369 8.52 -6.92 32.67
CA VAL B 369 7.56 -6.31 31.70
C VAL B 369 6.78 -5.18 32.41
N ARG B 370 6.91 -3.96 31.88
N ARG B 370 6.90 -3.97 31.87
CA ARG B 370 6.18 -2.76 32.34
CA ARG B 370 6.18 -2.76 32.34
C ARG B 370 5.30 -2.26 31.18
C ARG B 370 5.32 -2.23 31.19
N THR B 371 4.07 -1.83 31.49
CA THR B 371 3.14 -1.22 30.50
C THR B 371 3.33 0.30 30.53
N ARG B 372 2.94 0.98 29.46
CA ARG B 372 3.02 2.47 29.37
C ARG B 372 2.05 3.10 30.37
N ARG B 373 1.06 2.34 30.87
CA ARG B 373 0.09 2.80 31.89
C ARG B 373 0.75 2.78 33.28
N GLY B 374 1.92 2.16 33.42
CA GLY B 374 2.73 2.16 34.66
C GLY B 374 2.57 0.88 35.46
N LYS B 375 1.81 -0.09 34.94
CA LYS B 375 1.60 -1.43 35.56
C LYS B 375 2.88 -2.26 35.39
N ASP B 376 3.47 -2.70 36.51
CA ASP B 376 4.65 -3.61 36.54
C ASP B 376 4.14 -5.05 36.61
N LEU B 377 4.25 -5.81 35.51
CA LEU B 377 3.76 -7.21 35.41
C LEU B 377 4.80 -8.18 35.99
N GLY B 378 5.98 -7.69 36.36
CA GLY B 378 7.04 -8.47 37.03
C GLY B 378 7.93 -9.19 36.02
N SER B 379 8.71 -10.16 36.50
CA SER B 379 9.69 -10.95 35.70
C SER B 379 9.02 -12.23 35.17
N LEU B 380 8.92 -12.37 33.85
CA LEU B 380 8.19 -13.47 33.17
C LEU B 380 9.09 -14.14 32.11
N ASP B 381 8.79 -15.40 31.76
CA ASP B 381 9.57 -16.21 30.79
C ASP B 381 9.46 -15.58 29.40
N VAL B 382 10.60 -15.37 28.74
CA VAL B 382 10.71 -14.69 27.41
C VAL B 382 9.66 -15.26 26.45
N ASN B 383 9.61 -16.59 26.30
CA ASN B 383 8.75 -17.28 25.29
C ASN B 383 7.27 -17.03 25.61
N ASP B 384 6.89 -17.09 26.90
CA ASP B 384 5.50 -16.85 27.36
CA ASP B 384 5.50 -16.84 27.37
C ASP B 384 5.09 -15.40 27.03
N VAL B 385 6.02 -14.45 27.13
CA VAL B 385 5.76 -13.01 26.87
C VAL B 385 5.54 -12.82 25.37
N ILE B 386 6.41 -13.42 24.55
CA ILE B 386 6.33 -13.29 23.06
C ILE B 386 4.98 -13.86 22.59
N GLU B 387 4.55 -14.97 23.19
CA GLU B 387 3.26 -15.63 22.83
C GLU B 387 2.10 -14.69 23.19
N LYS B 388 2.14 -14.09 24.38
CA LYS B 388 1.11 -13.14 24.87
C LYS B 388 1.04 -11.93 23.95
N LEU B 389 2.19 -11.38 23.55
CA LEU B 389 2.27 -10.18 22.65
C LEU B 389 1.74 -10.53 21.28
N GLN B 390 2.22 -11.64 20.70
CA GLN B 390 1.74 -12.16 19.39
C GLN B 390 0.21 -12.28 19.42
N GLN B 391 -0.34 -12.85 20.49
CA GLN B 391 -1.82 -13.05 20.64
C GLN B 391 -2.51 -11.68 20.63
N GLU B 392 -2.02 -10.74 21.45
CA GLU B 392 -2.62 -9.38 21.59
C GLU B 392 -2.65 -8.69 20.22
N ILE B 393 -1.57 -8.83 19.44
CA ILE B 393 -1.41 -8.15 18.11
C ILE B 393 -2.33 -8.83 17.09
N ARG B 394 -2.30 -10.16 17.01
CA ARG B 394 -3.04 -10.94 15.98
C ARG B 394 -4.55 -10.85 16.25
N SER B 395 -4.96 -10.79 17.51
CA SER B 395 -6.39 -10.64 17.92
C SER B 395 -6.85 -9.17 17.79
N ARG B 396 -5.92 -8.23 17.59
CA ARG B 396 -6.16 -6.77 17.50
C ARG B 396 -6.90 -6.31 18.78
N SER B 397 -6.41 -6.75 19.93
CA SER B 397 -7.01 -6.45 21.27
C SER B 397 -6.86 -4.96 21.59
N LEU B 398 -7.94 -4.34 22.08
CA LEU B 398 -7.95 -2.95 22.62
C LEU B 398 -7.17 -2.91 23.95
N GLN B 399 -7.11 -4.04 24.65
CA GLN B 399 -6.60 -4.13 26.05
C GLN B 399 -5.17 -4.64 26.03
N GLN B 400 -4.37 -4.21 27.01
CA GLN B 400 -3.00 -4.72 27.26
C GLN B 400 -3.08 -5.79 28.36
N LEU B 401 -2.00 -6.54 28.56
CA LEU B 401 -1.90 -7.59 29.61
C LEU B 401 -2.27 -6.97 30.96
N GLU B 402 -3.27 -7.54 31.64
CA GLU B 402 -3.74 -7.11 32.98
C GLU B 402 -3.47 -8.25 33.98
F2 9I9 C . 7.68 7.49 -17.75
C24 9I9 C . 8.03 6.31 -17.23
F 9I9 C . 8.29 5.51 -18.26
F1 9I9 C . 6.93 5.82 -16.65
C23 9I9 C . 9.18 6.41 -16.27
C22 9I9 C . 9.40 7.57 -15.53
C21 9I9 C . 10.46 7.66 -14.65
C25 9I9 C . 10.07 5.35 -16.11
C26 9I9 C . 11.14 5.45 -15.24
C20 9I9 C . 11.37 6.61 -14.50
C19 9I9 C . 12.55 6.72 -13.60
C18 9I9 C . 13.14 7.98 -13.36
C27 9I9 C . 13.11 5.60 -12.99
C28 9I9 C . 14.22 5.73 -12.18
C29 9I9 C . 14.79 6.97 -11.95
C17 9I9 C . 14.26 8.10 -12.55
C12 9I9 C . 14.91 9.46 -12.35
N3 9I9 C . 15.26 9.72 -10.95
C13 9I9 C . 14.35 10.09 -10.04
O3 9I9 C . 13.15 10.16 -10.27
C14 9I9 C . 14.90 10.44 -8.66
N4 9I9 C . 14.27 11.65 -8.18
C15 9I9 C . 14.61 9.30 -7.66
C16 9I9 C . 15.50 8.09 -7.87
O2 9I9 C . 14.78 9.81 -6.33
C11 9I9 C . 16.15 9.60 -13.24
N2 9I9 C . 16.61 10.98 -13.22
C 9I9 C . 16.30 11.87 -14.16
O 9I9 C . 15.70 11.56 -15.19
C1 9I9 C . 16.74 13.28 -13.87
C2 9I9 C . 16.45 14.23 -15.03
N 9I9 C . 15.02 14.55 -15.16
C10 9I9 C . 14.46 15.43 -14.24
O1 9I9 C . 15.13 15.98 -13.39
C9 9I9 C . 13.01 15.62 -14.41
C4 9I9 C . 12.35 14.95 -15.45
N1 9I9 C . 13.01 14.10 -16.33
C3 9I9 C . 14.27 13.95 -16.14
C8 9I9 C . 12.31 16.46 -13.56
C7 9I9 C . 10.95 16.63 -13.72
CL1 9I9 C . 10.10 17.66 -12.63
C6 9I9 C . 10.28 15.97 -14.75
CL 9I9 C . 8.59 16.22 -15.01
C5 9I9 C . 10.97 15.13 -15.61
C1 EDO D . 17.93 19.97 -8.57
O1 EDO D . 18.15 21.04 -7.67
C2 EDO D . 18.42 18.66 -8.08
O2 EDO D . 17.45 17.86 -7.43
ZN ZN E . 14.83 12.02 -6.10
F2 9I9 F . -13.12 16.48 1.75
C24 9I9 F . -12.80 15.42 2.51
F 9I9 F . -12.79 15.85 3.77
F1 9I9 F . -11.54 15.13 2.20
C23 9I9 F . -13.73 14.26 2.30
C22 9I9 F . -13.32 12.96 2.59
C21 9I9 F . -14.20 11.89 2.42
C25 9I9 F . -15.03 14.46 1.84
C26 9I9 F . -15.90 13.40 1.68
C20 9I9 F . -15.51 12.09 1.98
C19 9I9 F . -16.46 10.96 1.85
C18 9I9 F . -17.36 10.91 0.79
C27 9I9 F . -16.52 9.96 2.81
C28 9I9 F . -17.46 8.94 2.73
C29 9I9 F . -18.36 8.93 1.68
C17 9I9 F . -18.33 9.91 0.70
C12 9I9 F . -19.35 9.92 -0.41
N3 9I9 F . -19.47 8.62 -1.08
C13 9I9 F . -18.66 8.23 -2.07
O3 9I9 F . -17.64 8.82 -2.39
C14 9I9 F . -19.08 6.96 -2.81
N4 9I9 F . -18.88 7.15 -4.23
C15 9I9 F . -18.27 5.76 -2.28
C16 9I9 F . -18.81 5.23 -0.97
O2 9I9 F . -18.25 4.73 -3.26
C11 9I9 F . -20.73 10.40 0.05
N2 9I9 F . -21.58 10.73 -1.09
C 9I9 F . -21.68 11.96 -1.60
O 9I9 F . -21.02 12.90 -1.19
C1 9I9 F . -22.67 12.12 -2.73
C2 9I9 F . -22.91 13.58 -3.11
N 9I9 F . -21.70 14.22 -3.65
C10 9I9 F . -21.23 13.80 -4.90
O1 9I9 F . -21.79 12.94 -5.54
C9 9I9 F . -20.02 14.50 -5.35
C4 9I9 F . -19.45 15.48 -4.53
N1 9I9 F . -20.00 15.84 -3.29
C3 9I9 F . -21.06 15.20 -2.94
C8 9I9 F . -19.44 14.19 -6.58
C7 9I9 F . -18.30 14.86 -6.98
CL1 9I9 F . -17.60 14.46 -8.52
C6 9I9 F . -17.74 15.84 -6.18
CL 9I9 F . -16.31 16.69 -6.67
C5 9I9 F . -18.30 16.15 -4.95
ZN ZN G . -18.88 5.26 -5.32
#